data_6WQJ
#
_entry.id   6WQJ
#
_entity_poly.entity_id   1
_entity_poly.type   'polypeptide(L)'
_entity_poly.pdbx_seq_one_letter_code
;(PCA)KETEICRQWCQVMKPQGGEEQRRCQQECEERLRD
;
_entity_poly.pdbx_strand_id   A
#
# COMPACT_ATOMS: atom_id res chain seq x y z
N PCA A 1 5.84 -7.01 -10.14
CA PCA A 1 4.45 -6.94 -9.68
CB PCA A 1 3.59 -7.48 -10.81
CG PCA A 1 4.55 -7.95 -11.89
CD PCA A 1 5.92 -7.56 -11.35
OE PCA A 1 6.96 -7.74 -11.98
C PCA A 1 4.25 -7.80 -8.45
O PCA A 1 3.24 -7.69 -7.74
H PCA A 1 6.61 -6.68 -9.62
HA PCA A 1 4.18 -5.93 -9.45
HB2 PCA A 1 2.93 -6.71 -11.20
HB3 PCA A 1 2.99 -8.33 -10.46
HG2 PCA A 1 4.36 -7.40 -12.83
HG3 PCA A 1 4.47 -9.02 -12.04
N LYS A 2 5.25 -8.60 -8.15
CA LYS A 2 5.20 -9.51 -7.04
C LYS A 2 5.36 -8.74 -5.75
N GLU A 3 6.34 -7.85 -5.73
CA GLU A 3 6.58 -7.01 -4.56
C GLU A 3 5.47 -6.01 -4.41
N THR A 4 4.90 -5.64 -5.53
CA THR A 4 3.80 -4.70 -5.60
C THR A 4 2.59 -5.27 -4.83
N GLU A 5 2.38 -6.58 -4.99
CA GLU A 5 1.32 -7.28 -4.30
C GLU A 5 1.57 -7.25 -2.79
N ILE A 6 2.78 -7.62 -2.38
CA ILE A 6 3.17 -7.67 -0.96
C ILE A 6 2.99 -6.29 -0.32
N CYS A 7 3.58 -5.32 -0.97
CA CYS A 7 3.55 -3.92 -0.55
C CYS A 7 2.11 -3.42 -0.29
N ARG A 8 1.19 -3.75 -1.19
CA ARG A 8 -0.18 -3.32 -1.01
C ARG A 8 -0.91 -4.24 -0.04
N GLN A 9 -0.63 -5.53 -0.09
CA GLN A 9 -1.31 -6.51 0.74
C GLN A 9 -1.02 -6.29 2.22
N TRP A 10 0.17 -5.77 2.53
CA TRP A 10 0.51 -5.39 3.91
C TRP A 10 -0.52 -4.38 4.39
N CYS A 11 -0.73 -3.35 3.60
CA CYS A 11 -1.69 -2.32 3.89
C CYS A 11 -3.12 -2.86 3.84
N GLN A 12 -3.34 -3.85 3.02
CA GLN A 12 -4.66 -4.46 2.89
C GLN A 12 -5.03 -5.19 4.20
N VAL A 13 -4.03 -5.66 4.90
CA VAL A 13 -4.25 -6.30 6.18
C VAL A 13 -4.27 -5.25 7.30
N MET A 14 -3.29 -4.36 7.29
CA MET A 14 -3.16 -3.38 8.35
C MET A 14 -4.25 -2.30 8.30
N LYS A 15 -4.59 -1.83 7.11
CA LYS A 15 -5.61 -0.82 6.92
C LYS A 15 -6.49 -1.19 5.73
N PRO A 16 -7.49 -2.04 5.95
CA PRO A 16 -8.34 -2.54 4.89
C PRO A 16 -9.39 -1.52 4.46
N GLN A 17 -9.31 -1.14 3.18
CA GLN A 17 -10.27 -0.24 2.52
C GLN A 17 -10.60 1.01 3.34
N GLY A 18 -9.68 1.93 3.35
CA GLY A 18 -9.87 3.15 4.09
C GLY A 18 -10.01 4.33 3.16
N GLY A 19 -9.48 5.44 3.57
CA GLY A 19 -9.49 6.62 2.74
C GLY A 19 -8.10 7.16 2.66
N GLU A 20 -7.72 7.89 3.69
CA GLU A 20 -6.39 8.45 3.82
C GLU A 20 -5.37 7.30 3.94
N GLU A 21 -5.84 6.20 4.48
CA GLU A 21 -5.08 4.98 4.60
C GLU A 21 -4.56 4.52 3.24
N GLN A 22 -5.43 4.62 2.24
CA GLN A 22 -5.08 4.20 0.90
C GLN A 22 -4.10 5.16 0.31
N ARG A 23 -4.38 6.46 0.50
CA ARG A 23 -3.55 7.54 -0.03
C ARG A 23 -2.12 7.38 0.44
N ARG A 24 -1.95 7.28 1.75
CA ARG A 24 -0.63 7.13 2.36
C ARG A 24 0.03 5.86 1.89
N CYS A 25 -0.69 4.74 2.01
CA CYS A 25 -0.16 3.45 1.62
C CYS A 25 0.29 3.39 0.19
N GLN A 26 -0.54 3.85 -0.72
CA GLN A 26 -0.23 3.81 -2.13
C GLN A 26 0.96 4.72 -2.44
N GLN A 27 0.96 5.90 -1.86
CA GLN A 27 2.03 6.87 -2.07
C GLN A 27 3.36 6.32 -1.55
N GLU A 28 3.35 5.85 -0.31
CA GLU A 28 4.49 5.30 0.37
C GLU A 28 4.98 4.04 -0.39
N CYS A 29 4.04 3.26 -0.88
CA CYS A 29 4.35 2.06 -1.63
C CYS A 29 5.06 2.43 -2.94
N GLU A 30 4.48 3.36 -3.69
CA GLU A 30 5.05 3.81 -4.95
C GLU A 30 6.39 4.50 -4.74
N GLU A 31 6.55 5.11 -3.60
CA GLU A 31 7.78 5.79 -3.23
C GLU A 31 8.93 4.78 -3.08
N ARG A 32 8.59 3.59 -2.57
CA ARG A 32 9.58 2.53 -2.42
C ARG A 32 9.78 1.81 -3.75
N LEU A 33 8.67 1.34 -4.26
CA LEU A 33 8.60 0.43 -5.39
C LEU A 33 8.92 1.08 -6.73
N ARG A 34 8.31 2.23 -6.97
CA ARG A 34 8.35 2.92 -8.26
C ARG A 34 7.69 2.08 -9.34
N ASP A 35 6.40 2.24 -9.43
CA ASP A 35 5.60 1.48 -10.37
C ASP A 35 4.94 2.45 -11.31
N PCA A 1 4.59 -5.43 -10.18
CA PCA A 1 5.44 -5.24 -9.02
CB PCA A 1 5.50 -3.74 -8.76
CG PCA A 1 4.53 -3.11 -9.74
CD PCA A 1 4.14 -4.27 -10.64
OE PCA A 1 3.49 -4.12 -11.67
C PCA A 1 4.88 -5.95 -7.81
O PCA A 1 4.01 -5.43 -7.09
H PCA A 1 4.37 -6.31 -10.56
HA PCA A 1 6.43 -5.63 -9.22
HB2 PCA A 1 6.52 -3.37 -8.94
HB3 PCA A 1 5.20 -3.53 -7.74
HG2 PCA A 1 5.03 -2.34 -10.34
HG3 PCA A 1 3.68 -2.70 -9.20
N LYS A 2 5.34 -7.16 -7.60
CA LYS A 2 4.85 -7.96 -6.53
C LYS A 2 5.45 -7.62 -5.18
N GLU A 3 6.51 -6.84 -5.15
CA GLU A 3 7.02 -6.35 -3.86
C GLU A 3 6.06 -5.32 -3.34
N THR A 4 5.58 -4.56 -4.26
CA THR A 4 4.59 -3.54 -4.04
C THR A 4 3.26 -4.19 -3.67
N GLU A 5 3.01 -5.34 -4.27
CA GLU A 5 1.84 -6.15 -4.00
C GLU A 5 1.83 -6.56 -2.52
N ILE A 6 3.00 -6.98 -2.02
CA ILE A 6 3.18 -7.33 -0.60
C ILE A 6 2.91 -6.10 0.25
N CYS A 7 3.62 -5.03 -0.06
CA CYS A 7 3.48 -3.71 0.57
C CYS A 7 2.00 -3.27 0.66
N ARG A 8 1.28 -3.38 -0.44
CA ARG A 8 -0.13 -3.04 -0.46
C ARG A 8 -0.92 -4.01 0.40
N GLN A 9 -0.65 -5.30 0.26
CA GLN A 9 -1.37 -6.33 1.02
C GLN A 9 -1.15 -6.14 2.53
N TRP A 10 0.00 -5.63 2.90
CA TRP A 10 0.28 -5.25 4.27
C TRP A 10 -0.64 -4.14 4.73
N CYS A 11 -0.66 -3.04 4.02
CA CYS A 11 -1.55 -1.91 4.35
C CYS A 11 -3.03 -2.29 4.23
N GLN A 12 -3.31 -3.20 3.33
CA GLN A 12 -4.63 -3.75 3.11
C GLN A 12 -5.18 -4.33 4.41
N VAL A 13 -4.36 -5.11 5.08
CA VAL A 13 -4.76 -5.76 6.31
C VAL A 13 -4.55 -4.84 7.51
N MET A 14 -3.37 -4.24 7.59
CA MET A 14 -2.94 -3.42 8.73
C MET A 14 -3.78 -2.15 8.92
N LYS A 15 -4.34 -1.62 7.86
CA LYS A 15 -5.09 -0.38 7.94
C LYS A 15 -6.58 -0.58 7.67
N PRO A 16 -7.39 -0.67 8.75
CA PRO A 16 -8.83 -0.77 8.64
C PRO A 16 -9.59 0.56 9.00
N GLN A 17 -10.61 0.86 8.20
CA GLN A 17 -11.60 1.97 8.43
C GLN A 17 -11.04 3.40 8.26
N GLY A 18 -9.75 3.57 8.28
CA GLY A 18 -9.18 4.90 8.15
C GLY A 18 -8.90 5.26 6.72
N GLY A 19 -9.73 6.13 6.16
CA GLY A 19 -9.59 6.52 4.75
C GLY A 19 -8.28 7.21 4.46
N GLU A 20 -7.79 7.97 5.43
CA GLU A 20 -6.54 8.69 5.34
C GLU A 20 -5.41 7.70 5.18
N GLU A 21 -5.47 6.66 6.00
CA GLU A 21 -4.48 5.61 6.02
C GLU A 21 -4.48 4.88 4.69
N GLN A 22 -5.68 4.66 4.16
CA GLN A 22 -5.87 3.99 2.87
C GLN A 22 -5.12 4.69 1.77
N ARG A 23 -5.41 5.97 1.61
CA ARG A 23 -4.80 6.77 0.59
C ARG A 23 -3.31 6.95 0.86
N ARG A 24 -2.94 7.15 2.13
CA ARG A 24 -1.55 7.35 2.51
C ARG A 24 -0.73 6.17 2.06
N CYS A 25 -1.16 4.96 2.46
CA CYS A 25 -0.49 3.73 2.11
C CYS A 25 -0.31 3.56 0.62
N GLN A 26 -1.33 3.90 -0.15
CA GLN A 26 -1.24 3.77 -1.60
C GLN A 26 -0.17 4.70 -2.14
N GLN A 27 -0.23 5.95 -1.71
CA GLN A 27 0.67 6.98 -2.17
C GLN A 27 2.13 6.69 -1.76
N GLU A 28 2.32 6.24 -0.52
CA GLU A 28 3.67 5.98 -0.04
C GLU A 28 4.23 4.68 -0.59
N CYS A 29 3.36 3.75 -0.92
CA CYS A 29 3.82 2.49 -1.47
C CYS A 29 4.27 2.74 -2.92
N GLU A 30 3.61 3.68 -3.61
CA GLU A 30 4.05 4.13 -4.93
C GLU A 30 5.41 4.78 -4.79
N GLU A 31 5.52 5.64 -3.79
CA GLU A 31 6.75 6.37 -3.47
C GLU A 31 7.90 5.38 -3.18
N ARG A 32 7.57 4.31 -2.52
CA ARG A 32 8.50 3.25 -2.17
C ARG A 32 9.00 2.51 -3.42
N LEU A 33 8.10 2.26 -4.35
CA LEU A 33 8.42 1.54 -5.56
C LEU A 33 9.20 2.41 -6.54
N ARG A 34 8.78 3.64 -6.70
CA ARG A 34 9.39 4.55 -7.65
C ARG A 34 10.77 4.96 -7.20
N ASP A 35 11.75 4.63 -8.02
CA ASP A 35 13.14 4.97 -7.76
C ASP A 35 13.29 6.46 -7.91
N PCA A 1 7.75 -8.57 -8.85
CA PCA A 1 6.34 -8.23 -8.62
CB PCA A 1 5.54 -8.93 -9.70
CG PCA A 1 6.53 -9.76 -10.50
CD PCA A 1 7.87 -9.47 -9.84
OE PCA A 1 8.93 -9.99 -10.17
C PCA A 1 5.89 -8.70 -7.25
O PCA A 1 4.81 -8.33 -6.77
H PCA A 1 8.49 -8.18 -8.35
HA PCA A 1 6.21 -7.16 -8.68
HB2 PCA A 1 5.06 -8.19 -10.35
HB3 PCA A 1 4.78 -9.57 -9.25
HG2 PCA A 1 6.57 -9.43 -11.53
HG3 PCA A 1 6.28 -10.82 -10.43
N LYS A 2 6.74 -9.46 -6.57
CA LYS A 2 6.43 -9.95 -5.25
C LYS A 2 6.46 -8.82 -4.25
N GLU A 3 7.27 -7.81 -4.54
CA GLU A 3 7.37 -6.63 -3.71
C GLU A 3 6.11 -5.79 -3.84
N THR A 4 5.47 -5.95 -4.95
CA THR A 4 4.24 -5.27 -5.24
C THR A 4 3.11 -5.98 -4.48
N GLU A 5 3.19 -7.31 -4.49
CA GLU A 5 2.22 -8.18 -3.84
C GLU A 5 2.14 -7.85 -2.35
N ILE A 6 3.29 -7.85 -1.68
CA ILE A 6 3.34 -7.58 -0.25
C ILE A 6 3.00 -6.15 0.04
N CYS A 7 3.41 -5.25 -0.85
CA CYS A 7 3.17 -3.82 -0.69
C CYS A 7 1.68 -3.53 -0.55
N ARG A 8 0.87 -4.21 -1.36
CA ARG A 8 -0.56 -4.04 -1.26
C ARG A 8 -1.12 -4.89 -0.12
N GLN A 9 -0.77 -6.18 -0.10
CA GLN A 9 -1.33 -7.14 0.87
C GLN A 9 -1.12 -6.70 2.31
N TRP A 10 0.04 -6.13 2.58
CA TRP A 10 0.38 -5.70 3.92
C TRP A 10 -0.63 -4.69 4.44
N CYS A 11 -0.89 -3.67 3.65
CA CYS A 11 -1.87 -2.64 3.98
C CYS A 11 -3.31 -3.14 3.84
N GLN A 12 -3.54 -4.01 2.86
CA GLN A 12 -4.85 -4.58 2.59
C GLN A 12 -5.35 -5.39 3.80
N VAL A 13 -4.43 -6.11 4.43
CA VAL A 13 -4.74 -6.90 5.62
C VAL A 13 -4.70 -6.01 6.86
N MET A 14 -3.87 -4.98 6.83
CA MET A 14 -3.73 -4.04 7.94
C MET A 14 -5.03 -3.28 8.16
N LYS A 15 -5.50 -2.63 7.11
CA LYS A 15 -6.75 -1.90 7.12
C LYS A 15 -7.44 -2.02 5.79
N PRO A 16 -8.36 -2.98 5.66
CA PRO A 16 -9.12 -3.17 4.44
C PRO A 16 -10.17 -2.09 4.29
N GLN A 17 -10.10 -1.38 3.18
CA GLN A 17 -11.03 -0.32 2.83
C GLN A 17 -10.87 0.90 3.75
N GLY A 18 -11.62 1.91 3.49
CA GLY A 18 -11.54 3.13 4.25
C GLY A 18 -11.36 4.32 3.34
N GLY A 19 -10.62 5.30 3.81
CA GLY A 19 -10.40 6.49 3.02
C GLY A 19 -9.00 7.05 3.19
N GLU A 20 -8.76 7.67 4.33
CA GLU A 20 -7.50 8.37 4.58
C GLU A 20 -6.31 7.40 4.61
N GLU A 21 -6.49 6.27 5.27
CA GLU A 21 -5.44 5.26 5.38
C GLU A 21 -5.12 4.67 4.02
N GLN A 22 -6.12 4.69 3.14
CA GLN A 22 -5.97 4.14 1.82
C GLN A 22 -5.06 5.03 1.00
N ARG A 23 -5.22 6.36 1.18
CA ARG A 23 -4.34 7.33 0.51
C ARG A 23 -2.94 7.15 1.03
N ARG A 24 -2.82 7.03 2.36
CA ARG A 24 -1.54 6.83 3.03
C ARG A 24 -0.83 5.60 2.45
N CYS A 25 -1.47 4.46 2.50
CA CYS A 25 -0.87 3.24 1.98
C CYS A 25 -0.60 3.28 0.49
N GLN A 26 -1.43 3.99 -0.26
CA GLN A 26 -1.20 4.14 -1.68
C GLN A 26 0.04 4.98 -1.93
N GLN A 27 0.15 6.10 -1.24
CA GLN A 27 1.28 7.00 -1.38
C GLN A 27 2.57 6.30 -0.96
N GLU A 28 2.51 5.55 0.14
CA GLU A 28 3.65 4.79 0.61
C GLU A 28 4.06 3.75 -0.43
N CYS A 29 3.08 3.00 -0.91
CA CYS A 29 3.31 1.91 -1.82
C CYS A 29 3.81 2.40 -3.18
N GLU A 30 3.06 3.29 -3.81
CA GLU A 30 3.37 3.72 -5.15
C GLU A 30 4.69 4.46 -5.26
N GLU A 31 5.07 5.19 -4.24
CA GLU A 31 6.33 5.89 -4.31
C GLU A 31 7.50 4.99 -3.90
N ARG A 32 7.21 3.91 -3.21
CA ARG A 32 8.25 2.97 -2.85
C ARG A 32 8.54 2.06 -4.06
N LEU A 33 7.49 1.68 -4.73
CA LEU A 33 7.58 0.85 -5.93
C LEU A 33 8.06 1.71 -7.11
N ARG A 34 7.59 2.95 -7.12
CA ARG A 34 7.87 3.94 -8.16
C ARG A 34 7.09 3.70 -9.43
N ASP A 35 7.48 2.73 -10.18
CA ASP A 35 6.79 2.42 -11.41
C ASP A 35 6.06 1.10 -11.28
N PCA A 1 6.26 -7.08 -9.50
CA PCA A 1 4.88 -7.52 -9.34
CB PCA A 1 4.62 -8.57 -10.41
CG PCA A 1 5.88 -8.60 -11.26
CD PCA A 1 6.82 -7.62 -10.57
OE PCA A 1 7.96 -7.38 -10.98
C PCA A 1 4.68 -8.11 -7.96
O PCA A 1 3.63 -7.93 -7.34
H PCA A 1 6.68 -6.47 -8.86
HA PCA A 1 4.21 -6.69 -9.44
HB2 PCA A 1 3.76 -8.28 -11.01
HB3 PCA A 1 4.45 -9.54 -9.95
HG2 PCA A 1 5.68 -8.25 -12.27
HG3 PCA A 1 6.29 -9.61 -11.27
N LYS A 2 5.71 -8.77 -7.45
CA LYS A 2 5.65 -9.41 -6.17
C LYS A 2 5.66 -8.36 -5.08
N GLU A 3 6.61 -7.45 -5.19
CA GLU A 3 6.79 -6.39 -4.20
C GLU A 3 5.59 -5.47 -4.21
N THR A 4 4.96 -5.39 -5.34
CA THR A 4 3.79 -4.59 -5.56
C THR A 4 2.58 -5.20 -4.86
N GLU A 5 2.38 -6.52 -5.07
CA GLU A 5 1.29 -7.25 -4.46
C GLU A 5 1.42 -7.18 -2.93
N ILE A 6 2.62 -7.47 -2.42
CA ILE A 6 2.90 -7.41 -0.98
C ILE A 6 2.68 -5.99 -0.43
N CYS A 7 3.09 -5.01 -1.21
CA CYS A 7 3.00 -3.59 -0.84
C CYS A 7 1.55 -3.23 -0.49
N ARG A 8 0.62 -3.64 -1.34
CA ARG A 8 -0.78 -3.38 -1.09
C ARG A 8 -1.34 -4.40 -0.09
N GLN A 9 -0.93 -5.66 -0.20
CA GLN A 9 -1.41 -6.77 0.66
C GLN A 9 -1.14 -6.48 2.14
N TRP A 10 0.00 -5.89 2.43
CA TRP A 10 0.37 -5.54 3.78
C TRP A 10 -0.66 -4.58 4.35
N CYS A 11 -0.93 -3.53 3.62
CA CYS A 11 -1.89 -2.53 4.04
C CYS A 11 -3.32 -3.06 3.99
N GLN A 12 -3.54 -4.00 3.10
CA GLN A 12 -4.82 -4.68 2.94
C GLN A 12 -5.22 -5.36 4.25
N VAL A 13 -4.29 -6.07 4.85
CA VAL A 13 -4.58 -6.75 6.10
C VAL A 13 -4.34 -5.84 7.31
N MET A 14 -3.50 -4.85 7.16
CA MET A 14 -3.16 -3.95 8.24
C MET A 14 -4.28 -2.93 8.49
N LYS A 15 -4.74 -2.29 7.43
CA LYS A 15 -5.80 -1.29 7.52
C LYS A 15 -6.82 -1.54 6.42
N PRO A 16 -7.74 -2.49 6.62
CA PRO A 16 -8.70 -2.86 5.59
C PRO A 16 -9.75 -1.76 5.41
N GLN A 17 -9.80 -1.19 4.20
CA GLN A 17 -10.74 -0.14 3.83
C GLN A 17 -10.60 1.13 4.70
N GLY A 18 -9.44 1.28 5.33
CA GLY A 18 -9.21 2.45 6.18
C GLY A 18 -8.68 3.59 5.38
N GLY A 19 -9.58 4.22 4.63
CA GLY A 19 -9.29 5.29 3.64
C GLY A 19 -8.10 6.20 3.92
N GLU A 20 -8.05 6.81 5.09
CA GLU A 20 -6.95 7.74 5.42
C GLU A 20 -5.62 7.03 5.43
N GLU A 21 -5.52 5.99 6.22
CA GLU A 21 -4.30 5.25 6.38
C GLU A 21 -4.02 4.40 5.14
N GLN A 22 -5.06 4.14 4.39
CA GLN A 22 -4.97 3.42 3.15
C GLN A 22 -4.33 4.31 2.09
N ARG A 23 -4.72 5.59 2.05
CA ARG A 23 -4.11 6.53 1.13
C ARG A 23 -2.70 6.84 1.58
N ARG A 24 -2.47 6.78 2.88
CA ARG A 24 -1.14 6.88 3.45
C ARG A 24 -0.31 5.76 2.85
N CYS A 25 -0.85 4.56 2.91
CA CYS A 25 -0.24 3.39 2.30
C CYS A 25 -0.05 3.55 0.81
N GLN A 26 -1.01 4.15 0.13
CA GLN A 26 -0.91 4.39 -1.30
C GLN A 26 0.29 5.25 -1.60
N GLN A 27 0.43 6.34 -0.85
CA GLN A 27 1.55 7.26 -0.98
C GLN A 27 2.87 6.53 -0.72
N GLU A 28 2.92 5.80 0.39
CA GLU A 28 4.12 5.07 0.78
C GLU A 28 4.44 3.99 -0.23
N CYS A 29 3.42 3.39 -0.81
CA CYS A 29 3.59 2.33 -1.77
C CYS A 29 4.17 2.90 -3.05
N GLU A 30 3.67 4.07 -3.47
CA GLU A 30 4.18 4.74 -4.65
C GLU A 30 5.64 5.12 -4.43
N GLU A 31 5.93 5.58 -3.24
CA GLU A 31 7.27 5.98 -2.84
C GLU A 31 8.20 4.74 -2.65
N ARG A 32 7.60 3.59 -2.47
CA ARG A 32 8.33 2.35 -2.29
C ARG A 32 8.67 1.74 -3.64
N LEU A 33 7.66 1.62 -4.48
CA LEU A 33 7.82 0.98 -5.77
C LEU A 33 8.63 1.83 -6.72
N ARG A 34 8.43 3.11 -6.65
CA ARG A 34 9.17 4.00 -7.51
C ARG A 34 10.43 4.43 -6.83
N ASP A 35 11.45 4.63 -7.61
CA ASP A 35 12.71 5.08 -7.10
C ASP A 35 13.17 6.19 -7.96
N PCA A 1 6.61 -5.96 -10.24
CA PCA A 1 5.58 -5.24 -9.49
CB PCA A 1 4.37 -5.15 -10.40
CG PCA A 1 4.71 -5.94 -11.64
CD PCA A 1 6.14 -6.40 -11.41
OE PCA A 1 6.76 -7.08 -12.21
C PCA A 1 5.20 -5.96 -8.21
O PCA A 1 4.35 -5.50 -7.44
H PCA A 1 7.53 -6.10 -9.91
HA PCA A 1 5.94 -4.25 -9.25
HB2 PCA A 1 4.17 -4.11 -10.66
HB3 PCA A 1 3.51 -5.57 -9.90
HG2 PCA A 1 4.68 -5.31 -12.53
HG3 PCA A 1 4.03 -6.79 -11.75
N LYS A 2 5.85 -7.08 -7.95
CA LYS A 2 5.51 -7.90 -6.81
C LYS A 2 5.84 -7.24 -5.48
N GLU A 3 6.83 -6.34 -5.47
CA GLU A 3 7.16 -5.60 -4.24
C GLU A 3 5.98 -4.74 -3.81
N THR A 4 5.25 -4.29 -4.79
CA THR A 4 4.10 -3.46 -4.58
C THR A 4 2.90 -4.33 -4.16
N GLU A 5 2.85 -5.56 -4.68
CA GLU A 5 1.77 -6.48 -4.32
C GLU A 5 1.81 -6.82 -2.85
N ILE A 6 3.00 -7.22 -2.40
CA ILE A 6 3.23 -7.55 -0.98
C ILE A 6 2.87 -6.34 -0.14
N CYS A 7 3.35 -5.21 -0.61
CA CYS A 7 3.10 -3.92 0.00
C CYS A 7 1.59 -3.65 0.19
N ARG A 8 0.80 -3.81 -0.89
CA ARG A 8 -0.63 -3.60 -0.81
C ARG A 8 -1.28 -4.65 0.09
N GLN A 9 -0.86 -5.89 -0.05
CA GLN A 9 -1.43 -6.99 0.73
C GLN A 9 -1.24 -6.81 2.23
N TRP A 10 -0.08 -6.31 2.61
CA TRP A 10 0.22 -6.04 4.00
C TRP A 10 -0.75 -5.00 4.54
N CYS A 11 -0.82 -3.87 3.88
CA CYS A 11 -1.73 -2.81 4.29
C CYS A 11 -3.20 -3.20 4.20
N GLN A 12 -3.52 -4.07 3.28
CA GLN A 12 -4.90 -4.51 3.12
C GLN A 12 -5.36 -5.32 4.36
N VAL A 13 -4.48 -6.17 4.88
CA VAL A 13 -4.83 -6.99 6.04
C VAL A 13 -4.52 -6.29 7.38
N MET A 14 -3.40 -5.57 7.44
CA MET A 14 -2.95 -4.92 8.68
C MET A 14 -3.67 -3.62 8.95
N LYS A 15 -4.16 -3.00 7.90
CA LYS A 15 -4.87 -1.76 8.03
C LYS A 15 -6.29 -1.96 7.49
N PRO A 16 -7.27 -2.23 8.34
CA PRO A 16 -8.64 -2.37 7.92
C PRO A 16 -9.42 -1.05 8.07
N GLN A 17 -9.96 -0.54 6.95
CA GLN A 17 -10.78 0.67 6.92
C GLN A 17 -9.98 1.92 7.25
N GLY A 18 -10.65 3.04 7.33
CA GLY A 18 -10.00 4.28 7.69
C GLY A 18 -9.96 5.24 6.54
N GLY A 19 -9.66 4.72 5.38
CA GLY A 19 -9.60 5.53 4.19
C GLY A 19 -8.28 6.28 4.08
N GLU A 20 -8.06 7.20 5.02
CA GLU A 20 -6.85 8.01 5.05
C GLU A 20 -5.63 7.17 5.37
N GLU A 21 -5.77 6.23 6.29
CA GLU A 21 -4.69 5.32 6.66
C GLU A 21 -4.30 4.48 5.43
N GLN A 22 -5.32 4.13 4.66
CA GLN A 22 -5.15 3.34 3.46
C GLN A 22 -4.48 4.18 2.40
N ARG A 23 -4.93 5.42 2.31
CA ARG A 23 -4.38 6.41 1.41
C ARG A 23 -2.90 6.55 1.67
N ARG A 24 -2.55 6.73 2.94
CA ARG A 24 -1.17 6.85 3.37
C ARG A 24 -0.38 5.61 2.97
N CYS A 25 -0.98 4.43 3.16
CA CYS A 25 -0.37 3.17 2.75
C CYS A 25 0.00 3.18 1.29
N GLN A 26 -0.95 3.48 0.42
CA GLN A 26 -0.67 3.48 -1.01
C GLN A 26 0.28 4.59 -1.43
N GLN A 27 0.19 5.74 -0.75
CA GLN A 27 1.10 6.84 -1.02
C GLN A 27 2.53 6.41 -0.73
N GLU A 28 2.73 5.84 0.46
CA GLU A 28 4.05 5.40 0.86
C GLU A 28 4.49 4.16 0.07
N CYS A 29 3.53 3.37 -0.34
CA CYS A 29 3.78 2.18 -1.11
C CYS A 29 4.39 2.56 -2.46
N GLU A 30 3.73 3.49 -3.16
CA GLU A 30 4.23 3.95 -4.42
C GLU A 30 5.48 4.82 -4.24
N GLU A 31 5.60 5.43 -3.06
CA GLU A 31 6.78 6.23 -2.70
C GLU A 31 8.00 5.32 -2.64
N ARG A 32 7.81 4.13 -2.04
CA ARG A 32 8.86 3.12 -1.95
C ARG A 32 9.17 2.56 -3.33
N LEU A 33 8.11 2.40 -4.13
CA LEU A 33 8.25 1.94 -5.51
C LEU A 33 9.07 2.97 -6.31
N ARG A 34 8.88 4.23 -5.94
CA ARG A 34 9.63 5.38 -6.42
C ARG A 34 9.22 5.79 -7.83
N ASP A 35 8.79 7.04 -7.95
CA ASP A 35 8.30 7.64 -9.19
C ASP A 35 7.05 6.93 -9.66
N PCA A 1 6.86 -8.78 -9.15
CA PCA A 1 5.59 -8.28 -8.65
CB PCA A 1 4.51 -8.82 -9.57
CG PCA A 1 5.21 -9.77 -10.52
CD PCA A 1 6.66 -9.69 -10.10
OE PCA A 1 7.55 -10.39 -10.58
C PCA A 1 5.35 -8.76 -7.23
O PCA A 1 4.31 -8.48 -6.64
H PCA A 1 7.74 -8.48 -8.84
HA PCA A 1 5.58 -7.20 -8.64
HB2 PCA A 1 4.04 -8.01 -10.12
HB3 PCA A 1 3.76 -9.36 -8.99
HG2 PCA A 1 5.12 -9.43 -11.55
HG3 PCA A 1 4.81 -10.78 -10.41
N LYS A 2 6.33 -9.47 -6.69
CA LYS A 2 6.21 -10.04 -5.37
C LYS A 2 6.32 -8.97 -4.30
N GLU A 3 7.24 -8.05 -4.48
CA GLU A 3 7.43 -6.96 -3.53
C GLU A 3 6.22 -6.05 -3.60
N THR A 4 5.68 -5.96 -4.79
CA THR A 4 4.50 -5.20 -5.09
C THR A 4 3.30 -5.82 -4.35
N GLU A 5 3.23 -7.15 -4.39
CA GLU A 5 2.16 -7.90 -3.78
C GLU A 5 2.19 -7.73 -2.27
N ILE A 6 3.39 -7.79 -1.70
CA ILE A 6 3.57 -7.59 -0.25
C ILE A 6 3.13 -6.19 0.12
N CYS A 7 3.64 -5.23 -0.64
CA CYS A 7 3.35 -3.80 -0.48
C CYS A 7 1.82 -3.55 -0.47
N ARG A 8 1.11 -4.21 -1.36
CA ARG A 8 -0.33 -4.09 -1.38
C ARG A 8 -0.97 -4.82 -0.22
N GLN A 9 -0.52 -6.05 0.02
CA GLN A 9 -1.12 -6.94 1.03
C GLN A 9 -1.07 -6.34 2.42
N TRP A 10 0.06 -5.72 2.77
CA TRP A 10 0.26 -5.13 4.10
C TRP A 10 -0.85 -4.13 4.39
N CYS A 11 -1.11 -3.26 3.45
CA CYS A 11 -2.14 -2.24 3.60
C CYS A 11 -3.54 -2.83 3.38
N GLN A 12 -3.62 -3.85 2.55
CA GLN A 12 -4.90 -4.46 2.24
C GLN A 12 -5.47 -5.18 3.46
N VAL A 13 -4.61 -5.87 4.20
CA VAL A 13 -5.05 -6.59 5.39
C VAL A 13 -5.09 -5.63 6.59
N MET A 14 -4.36 -4.51 6.49
CA MET A 14 -4.37 -3.47 7.50
C MET A 14 -5.78 -2.92 7.64
N LYS A 15 -6.34 -2.49 6.54
CA LYS A 15 -7.68 -2.01 6.51
C LYS A 15 -8.26 -2.19 5.13
N PRO A 16 -9.08 -3.23 4.95
CA PRO A 16 -9.81 -3.43 3.71
C PRO A 16 -10.73 -2.25 3.48
N GLN A 17 -10.51 -1.55 2.37
CA GLN A 17 -11.23 -0.33 2.03
C GLN A 17 -11.02 0.74 3.07
N GLY A 18 -9.85 1.31 3.06
CA GLY A 18 -9.52 2.37 3.98
C GLY A 18 -9.52 3.68 3.27
N GLY A 19 -9.55 4.74 4.00
CA GLY A 19 -9.56 6.04 3.41
C GLY A 19 -8.19 6.68 3.43
N GLU A 20 -7.93 7.44 4.48
CA GLU A 20 -6.70 8.22 4.61
C GLU A 20 -5.45 7.33 4.67
N GLU A 21 -5.50 6.28 5.48
CA GLU A 21 -4.35 5.37 5.61
C GLU A 21 -4.07 4.62 4.33
N GLN A 22 -5.12 4.24 3.64
CA GLN A 22 -4.96 3.54 2.39
C GLN A 22 -4.43 4.49 1.33
N ARG A 23 -4.82 5.76 1.43
CA ARG A 23 -4.33 6.81 0.56
C ARG A 23 -2.83 7.00 0.78
N ARG A 24 -2.43 6.96 2.05
CA ARG A 24 -1.02 7.01 2.44
C ARG A 24 -0.29 5.87 1.79
N CYS A 25 -0.85 4.67 1.91
CA CYS A 25 -0.29 3.48 1.31
C CYS A 25 -0.07 3.62 -0.18
N GLN A 26 -1.03 4.25 -0.87
CA GLN A 26 -0.90 4.48 -2.30
C GLN A 26 0.37 5.26 -2.59
N GLN A 27 0.53 6.36 -1.87
CA GLN A 27 1.67 7.24 -2.04
C GLN A 27 2.96 6.53 -1.67
N GLU A 28 2.97 5.90 -0.51
CA GLU A 28 4.14 5.19 -0.03
C GLU A 28 4.54 4.09 -0.98
N CYS A 29 3.58 3.28 -1.39
CA CYS A 29 3.86 2.14 -2.23
C CYS A 29 4.43 2.57 -3.58
N GLU A 30 3.87 3.62 -4.18
CA GLU A 30 4.35 4.08 -5.46
C GLU A 30 5.77 4.60 -5.39
N GLU A 31 6.08 5.32 -4.34
CA GLU A 31 7.39 5.95 -4.25
C GLU A 31 8.45 5.00 -3.65
N ARG A 32 8.03 4.11 -2.80
CA ARG A 32 8.94 3.17 -2.16
C ARG A 32 9.28 2.02 -3.09
N LEU A 33 8.27 1.50 -3.74
CA LEU A 33 8.45 0.38 -4.65
C LEU A 33 8.94 0.88 -5.99
N ARG A 34 8.25 1.91 -6.50
CA ARG A 34 8.49 2.49 -7.82
C ARG A 34 8.27 1.50 -8.96
N ASP A 35 8.41 1.99 -10.14
CA ASP A 35 8.36 1.20 -11.33
C ASP A 35 9.06 1.97 -12.40
N PCA A 1 4.96 -6.99 -10.47
CA PCA A 1 3.64 -6.84 -9.84
CB PCA A 1 2.64 -7.47 -10.79
CG PCA A 1 3.41 -7.79 -12.05
CD PCA A 1 4.83 -7.30 -11.75
OE PCA A 1 5.71 -7.22 -12.60
C PCA A 1 3.59 -7.52 -8.49
O PCA A 1 2.71 -7.24 -7.68
H PCA A 1 5.80 -6.84 -9.99
HA PCA A 1 3.41 -5.79 -9.70
HB2 PCA A 1 1.83 -6.77 -11.01
HB3 PCA A 1 2.25 -8.38 -10.35
HG2 PCA A 1 3.02 -7.23 -12.91
HG3 PCA A 1 3.40 -8.87 -12.25
N LYS A 2 4.57 -8.36 -8.23
CA LYS A 2 4.62 -9.10 -6.98
C LYS A 2 4.92 -8.16 -5.83
N GLU A 3 5.81 -7.20 -6.08
CA GLU A 3 6.17 -6.21 -5.08
C GLU A 3 4.99 -5.32 -4.75
N THR A 4 4.13 -5.19 -5.70
CA THR A 4 2.90 -4.46 -5.55
C THR A 4 1.96 -5.23 -4.61
N GLU A 5 1.81 -6.51 -4.87
CA GLU A 5 0.92 -7.38 -4.11
C GLU A 5 1.34 -7.48 -2.65
N ILE A 6 2.62 -7.76 -2.43
CA ILE A 6 3.18 -7.87 -1.07
C ILE A 6 2.92 -6.57 -0.30
N CYS A 7 3.35 -5.49 -0.91
CA CYS A 7 3.21 -4.16 -0.36
C CYS A 7 1.75 -3.80 -0.07
N ARG A 8 0.86 -4.01 -1.02
CA ARG A 8 -0.54 -3.67 -0.83
C ARG A 8 -1.21 -4.57 0.21
N GLN A 9 -0.90 -5.85 0.18
CA GLN A 9 -1.49 -6.81 1.10
C GLN A 9 -1.24 -6.40 2.54
N TRP A 10 -0.06 -5.85 2.78
CA TRP A 10 0.35 -5.38 4.09
C TRP A 10 -0.62 -4.31 4.59
N CYS A 11 -0.88 -3.33 3.74
CA CYS A 11 -1.78 -2.24 4.08
C CYS A 11 -3.24 -2.69 4.04
N GLN A 12 -3.54 -3.69 3.24
CA GLN A 12 -4.89 -4.19 3.09
C GLN A 12 -5.32 -4.91 4.38
N VAL A 13 -4.41 -5.71 4.94
CA VAL A 13 -4.69 -6.42 6.18
C VAL A 13 -4.54 -5.46 7.37
N MET A 14 -3.81 -4.38 7.14
CA MET A 14 -3.62 -3.36 8.16
C MET A 14 -4.90 -2.58 8.36
N LYS A 15 -5.49 -2.15 7.28
CA LYS A 15 -6.71 -1.39 7.32
C LYS A 15 -7.52 -1.61 6.04
N PRO A 16 -8.64 -2.36 6.12
CA PRO A 16 -9.56 -2.55 5.00
C PRO A 16 -10.05 -1.19 4.52
N GLN A 17 -10.15 -1.04 3.20
CA GLN A 17 -10.44 0.23 2.53
C GLN A 17 -9.27 1.20 2.70
N GLY A 18 -9.03 1.64 3.92
CA GLY A 18 -7.92 2.49 4.23
C GLY A 18 -8.24 3.95 4.04
N GLY A 19 -8.74 4.28 2.88
CA GLY A 19 -9.08 5.65 2.57
C GLY A 19 -7.85 6.51 2.50
N GLU A 20 -7.73 7.46 3.42
CA GLU A 20 -6.54 8.30 3.46
C GLU A 20 -5.33 7.49 3.86
N GLU A 21 -5.56 6.45 4.63
CA GLU A 21 -4.51 5.57 5.05
C GLU A 21 -4.02 4.75 3.90
N GLN A 22 -4.92 4.43 3.00
CA GLN A 22 -4.59 3.64 1.85
C GLN A 22 -3.85 4.51 0.88
N ARG A 23 -4.26 5.76 0.81
CA ARG A 23 -3.61 6.75 -0.02
C ARG A 23 -2.20 7.02 0.50
N ARG A 24 -2.06 7.07 1.81
CA ARG A 24 -0.75 7.21 2.43
C ARG A 24 0.10 5.98 2.12
N CYS A 25 -0.52 4.81 2.22
CA CYS A 25 0.12 3.56 1.85
C CYS A 25 0.51 3.55 0.39
N GLN A 26 -0.33 4.10 -0.46
CA GLN A 26 -0.08 4.20 -1.89
C GLN A 26 1.20 5.00 -2.12
N GLN A 27 1.33 6.13 -1.42
CA GLN A 27 2.52 6.99 -1.50
C GLN A 27 3.76 6.17 -1.18
N GLU A 28 3.72 5.50 -0.05
CA GLU A 28 4.82 4.70 0.45
C GLU A 28 5.08 3.50 -0.46
N CYS A 29 4.02 2.90 -0.94
CA CYS A 29 4.09 1.72 -1.77
C CYS A 29 4.75 2.06 -3.10
N GLU A 30 4.36 3.20 -3.68
CA GLU A 30 4.97 3.67 -4.90
C GLU A 30 6.44 3.96 -4.67
N GLU A 31 6.74 4.66 -3.58
CA GLU A 31 8.10 5.05 -3.22
C GLU A 31 8.99 3.80 -2.98
N ARG A 32 8.39 2.80 -2.38
CA ARG A 32 9.01 1.51 -2.15
C ARG A 32 9.34 0.83 -3.47
N LEU A 33 8.38 0.86 -4.37
CA LEU A 33 8.49 0.21 -5.66
C LEU A 33 9.52 0.93 -6.56
N ARG A 34 9.40 2.25 -6.64
CA ARG A 34 10.27 3.07 -7.47
C ARG A 34 10.08 4.53 -7.10
N ASP A 35 11.15 5.23 -6.90
CA ASP A 35 11.04 6.64 -6.64
C ASP A 35 11.28 7.39 -7.93
N PCA A 1 4.94 -6.49 -10.34
CA PCA A 1 3.57 -6.52 -9.81
CB PCA A 1 2.71 -7.21 -10.85
CG PCA A 1 3.60 -7.41 -12.05
CD PCA A 1 4.95 -6.86 -11.60
OE PCA A 1 5.92 -6.78 -12.37
C PCA A 1 3.49 -7.26 -8.49
O PCA A 1 2.55 -7.09 -7.73
H PCA A 1 5.74 -6.23 -9.82
HA PCA A 1 3.22 -5.51 -9.64
HB2 PCA A 1 1.86 -6.57 -11.10
HB3 PCA A 1 2.37 -8.16 -10.47
HG2 PCA A 1 3.24 -6.83 -12.91
HG3 PCA A 1 3.67 -8.47 -12.30
N LYS A 2 4.49 -8.08 -8.22
CA LYS A 2 4.53 -8.81 -6.95
C LYS A 2 4.85 -7.84 -5.83
N GLU A 3 5.74 -6.93 -6.16
CA GLU A 3 6.27 -5.89 -5.29
C GLU A 3 5.12 -5.10 -4.70
N THR A 4 4.32 -4.66 -5.58
CA THR A 4 3.17 -3.88 -5.29
C THR A 4 2.05 -4.71 -4.64
N GLU A 5 1.93 -5.98 -5.05
CA GLU A 5 0.92 -6.90 -4.51
C GLU A 5 1.11 -7.05 -3.00
N ILE A 6 2.34 -7.39 -2.61
CA ILE A 6 2.70 -7.58 -1.21
C ILE A 6 2.48 -6.28 -0.46
N CYS A 7 3.04 -5.24 -1.03
CA CYS A 7 2.94 -3.88 -0.51
C CYS A 7 1.47 -3.47 -0.24
N ARG A 8 0.62 -3.74 -1.22
CA ARG A 8 -0.82 -3.53 -1.13
C ARG A 8 -1.42 -4.38 -0.03
N GLN A 9 -1.06 -5.64 -0.03
CA GLN A 9 -1.61 -6.63 0.88
C GLN A 9 -1.29 -6.28 2.33
N TRP A 10 -0.10 -5.76 2.58
CA TRP A 10 0.32 -5.33 3.92
C TRP A 10 -0.67 -4.30 4.47
N CYS A 11 -0.91 -3.27 3.68
CA CYS A 11 -1.86 -2.22 4.03
C CYS A 11 -3.27 -2.76 4.06
N GLN A 12 -3.57 -3.65 3.12
CA GLN A 12 -4.90 -4.20 2.93
C GLN A 12 -5.34 -5.02 4.14
N VAL A 13 -4.44 -5.86 4.65
CA VAL A 13 -4.75 -6.67 5.80
C VAL A 13 -4.80 -5.82 7.07
N MET A 14 -4.02 -4.75 7.09
CA MET A 14 -3.98 -3.82 8.22
C MET A 14 -5.30 -3.03 8.30
N LYS A 15 -5.65 -2.38 7.22
CA LYS A 15 -6.87 -1.58 7.11
C LYS A 15 -7.38 -1.61 5.68
N PRO A 16 -8.49 -2.31 5.43
CA PRO A 16 -9.08 -2.36 4.11
C PRO A 16 -9.63 -0.98 3.68
N GLN A 17 -9.07 -0.48 2.59
CA GLN A 17 -9.43 0.78 1.92
C GLN A 17 -9.46 1.98 2.87
N GLY A 18 -10.63 2.32 3.37
CA GLY A 18 -10.80 3.47 4.22
C GLY A 18 -10.66 4.75 3.44
N GLY A 19 -9.66 5.50 3.75
CA GLY A 19 -9.40 6.71 3.08
C GLY A 19 -7.98 7.16 3.31
N GLU A 20 -7.73 7.75 4.46
CA GLU A 20 -6.44 8.34 4.78
C GLU A 20 -5.34 7.28 4.88
N GLU A 21 -5.70 6.09 5.31
CA GLU A 21 -4.74 5.03 5.44
C GLU A 21 -4.32 4.54 4.07
N GLN A 22 -5.27 4.44 3.16
CA GLN A 22 -4.99 3.97 1.84
C GLN A 22 -4.25 5.04 1.04
N ARG A 23 -4.63 6.29 1.25
CA ARG A 23 -3.96 7.41 0.59
C ARG A 23 -2.52 7.50 1.07
N ARG A 24 -2.31 7.29 2.38
CA ARG A 24 -0.96 7.26 2.92
C ARG A 24 -0.22 6.09 2.32
N CYS A 25 -0.86 4.93 2.29
CA CYS A 25 -0.28 3.75 1.69
C CYS A 25 0.10 3.92 0.25
N GLN A 26 -0.66 4.70 -0.51
CA GLN A 26 -0.30 4.98 -1.90
C GLN A 26 1.04 5.68 -1.96
N GLN A 27 1.19 6.72 -1.16
CA GLN A 27 2.45 7.46 -1.11
C GLN A 27 3.58 6.56 -0.62
N GLU A 28 3.32 5.83 0.44
CA GLU A 28 4.29 4.92 1.05
C GLU A 28 4.69 3.79 0.08
N CYS A 29 3.70 3.17 -0.53
CA CYS A 29 3.90 2.02 -1.40
C CYS A 29 4.71 2.40 -2.63
N GLU A 30 4.36 3.52 -3.24
CA GLU A 30 5.07 3.98 -4.40
C GLU A 30 6.46 4.50 -4.03
N GLU A 31 6.61 4.93 -2.78
CA GLU A 31 7.91 5.35 -2.24
C GLU A 31 8.82 4.12 -2.13
N ARG A 32 8.24 3.00 -1.72
CA ARG A 32 8.95 1.72 -1.63
C ARG A 32 9.31 1.24 -3.01
N LEU A 33 8.40 1.47 -3.93
CA LEU A 33 8.60 1.06 -5.32
C LEU A 33 9.67 1.93 -6.00
N ARG A 34 9.84 3.14 -5.48
CA ARG A 34 10.81 4.10 -6.03
C ARG A 34 12.22 3.82 -5.48
N ASP A 35 12.30 2.92 -4.53
CA ASP A 35 13.56 2.57 -3.91
C ASP A 35 14.37 1.71 -4.83
N PCA A 1 5.68 -7.57 -10.10
CA PCA A 1 4.60 -7.25 -9.17
CB PCA A 1 3.31 -7.64 -9.89
CG PCA A 1 3.73 -8.34 -11.16
CD PCA A 1 5.24 -8.34 -11.09
OE PCA A 1 5.96 -8.98 -11.86
C PCA A 1 4.72 -8.04 -7.88
O PCA A 1 3.82 -8.08 -7.06
H PCA A 1 6.60 -7.25 -10.00
HA PCA A 1 4.59 -6.20 -8.93
HB2 PCA A 1 2.72 -6.75 -10.11
HB3 PCA A 1 2.73 -8.32 -9.26
HG2 PCA A 1 3.40 -7.78 -12.04
HG3 PCA A 1 3.33 -9.36 -11.18
N LYS A 2 5.89 -8.62 -7.69
CA LYS A 2 6.19 -9.46 -6.54
C LYS A 2 6.13 -8.66 -5.24
N GLU A 3 6.86 -7.56 -5.19
CA GLU A 3 6.82 -6.74 -4.00
C GLU A 3 5.58 -5.88 -3.98
N THR A 4 4.91 -5.80 -5.12
CA THR A 4 3.64 -5.12 -5.22
C THR A 4 2.61 -5.88 -4.39
N GLU A 5 2.63 -7.22 -4.54
CA GLU A 5 1.77 -8.10 -3.77
C GLU A 5 2.05 -7.94 -2.29
N ILE A 6 3.33 -7.94 -1.94
CA ILE A 6 3.74 -7.77 -0.54
C ILE A 6 3.22 -6.45 0.00
N CYS A 7 3.56 -5.40 -0.71
CA CYS A 7 3.20 -4.03 -0.37
C CYS A 7 1.69 -3.86 -0.19
N ARG A 8 0.92 -4.38 -1.15
CA ARG A 8 -0.52 -4.27 -1.11
C ARG A 8 -1.09 -5.08 0.03
N GLN A 9 -0.63 -6.33 0.16
CA GLN A 9 -1.14 -7.26 1.18
C GLN A 9 -0.96 -6.67 2.57
N TRP A 10 0.16 -5.98 2.79
CA TRP A 10 0.48 -5.32 4.04
C TRP A 10 -0.66 -4.34 4.45
N CYS A 11 -1.00 -3.43 3.57
CA CYS A 11 -2.09 -2.49 3.84
C CYS A 11 -3.44 -3.21 3.81
N GLN A 12 -3.57 -4.18 2.91
CA GLN A 12 -4.81 -4.92 2.68
C GLN A 12 -5.23 -5.69 3.94
N VAL A 13 -4.28 -6.26 4.64
CA VAL A 13 -4.59 -7.02 5.82
C VAL A 13 -4.77 -6.14 7.04
N MET A 14 -4.06 -5.01 7.11
CA MET A 14 -4.20 -4.14 8.26
C MET A 14 -5.46 -3.32 8.21
N LYS A 15 -5.66 -2.60 7.13
CA LYS A 15 -6.83 -1.77 6.99
C LYS A 15 -7.11 -1.52 5.51
N PRO A 16 -7.93 -2.36 4.89
CA PRO A 16 -8.23 -2.26 3.48
C PRO A 16 -9.27 -1.18 3.17
N GLN A 17 -8.91 -0.31 2.23
CA GLN A 17 -9.77 0.75 1.69
C GLN A 17 -10.06 1.88 2.69
N GLY A 18 -9.80 3.08 2.27
CA GLY A 18 -10.03 4.24 3.07
C GLY A 18 -9.70 5.46 2.28
N GLY A 19 -10.13 6.61 2.72
CA GLY A 19 -9.86 7.83 2.01
C GLY A 19 -8.43 8.26 2.22
N GLU A 20 -8.20 9.01 3.27
CA GLU A 20 -6.88 9.52 3.58
C GLU A 20 -5.97 8.36 4.01
N GLU A 21 -6.58 7.38 4.67
CA GLU A 21 -5.89 6.20 5.18
C GLU A 21 -5.19 5.44 4.06
N GLN A 22 -5.98 5.00 3.08
CA GLN A 22 -5.43 4.22 2.00
C GLN A 22 -4.62 5.12 1.09
N ARG A 23 -4.91 6.42 1.08
CA ARG A 23 -4.12 7.36 0.33
C ARG A 23 -2.68 7.39 0.86
N ARG A 24 -2.53 7.21 2.19
CA ARG A 24 -1.19 7.12 2.77
C ARG A 24 -0.51 5.92 2.19
N CYS A 25 -1.23 4.78 2.20
CA CYS A 25 -0.73 3.57 1.58
C CYS A 25 -0.44 3.75 0.11
N GLN A 26 -1.29 4.50 -0.59
CA GLN A 26 -1.06 4.76 -2.00
C GLN A 26 0.25 5.49 -2.18
N GLN A 27 0.46 6.54 -1.42
CA GLN A 27 1.69 7.31 -1.53
C GLN A 27 2.90 6.47 -1.14
N GLU A 28 2.79 5.72 -0.08
CA GLU A 28 3.88 4.88 0.35
C GLU A 28 4.14 3.76 -0.65
N CYS A 29 3.12 3.02 -0.98
CA CYS A 29 3.25 1.86 -1.82
C CYS A 29 3.62 2.26 -3.25
N GLU A 30 2.86 3.18 -3.83
CA GLU A 30 3.07 3.55 -5.23
C GLU A 30 4.35 4.31 -5.45
N GLU A 31 4.85 5.01 -4.45
CA GLU A 31 6.12 5.69 -4.62
C GLU A 31 7.30 4.74 -4.47
N ARG A 32 7.13 3.66 -3.71
CA ARG A 32 8.24 2.69 -3.54
C ARG A 32 8.27 1.74 -4.72
N LEU A 33 7.10 1.36 -5.18
CA LEU A 33 6.97 0.45 -6.33
C LEU A 33 7.13 1.21 -7.63
N ARG A 34 6.77 2.47 -7.59
CA ARG A 34 6.74 3.38 -8.73
C ARG A 34 5.66 2.94 -9.72
N ASP A 35 6.07 2.06 -10.61
CA ASP A 35 5.28 1.55 -11.72
C ASP A 35 6.19 0.74 -12.58
N PCA A 1 5.43 -4.99 -10.37
CA PCA A 1 4.42 -4.63 -9.38
CB PCA A 1 3.07 -4.77 -10.06
CG PCA A 1 3.36 -5.25 -11.47
CD PCA A 1 4.87 -5.47 -11.47
OE PCA A 1 5.47 -6.03 -12.39
C PCA A 1 4.48 -5.58 -8.19
O PCA A 1 3.61 -5.56 -7.33
H PCA A 1 6.40 -4.87 -10.23
HA PCA A 1 4.58 -3.63 -9.02
HB2 PCA A 1 2.57 -3.80 -10.09
HB3 PCA A 1 2.45 -5.49 -9.54
HG2 PCA A 1 3.11 -4.49 -12.20
HG3 PCA A 1 2.82 -6.18 -11.66
N LYS A 2 5.56 -6.37 -8.13
CA LYS A 2 5.73 -7.37 -7.09
C LYS A 2 5.76 -6.78 -5.70
N GLU A 3 6.58 -5.76 -5.53
CA GLU A 3 6.73 -5.12 -4.24
C GLU A 3 5.46 -4.40 -3.88
N THR A 4 4.91 -3.77 -4.87
CA THR A 4 3.70 -3.01 -4.77
C THR A 4 2.55 -3.91 -4.28
N GLU A 5 2.49 -5.11 -4.83
CA GLU A 5 1.50 -6.08 -4.47
C GLU A 5 1.63 -6.49 -3.01
N ILE A 6 2.85 -6.76 -2.56
CA ILE A 6 3.10 -7.14 -1.16
C ILE A 6 2.72 -5.98 -0.26
N CYS A 7 3.25 -4.85 -0.61
CA CYS A 7 3.04 -3.60 0.07
C CYS A 7 1.55 -3.27 0.27
N ARG A 8 0.75 -3.43 -0.78
CA ARG A 8 -0.66 -3.17 -0.63
C ARG A 8 -1.37 -4.35 0.08
N GLN A 9 -0.85 -5.56 -0.10
CA GLN A 9 -1.39 -6.75 0.57
C GLN A 9 -1.31 -6.59 2.08
N TRP A 10 -0.18 -6.08 2.54
CA TRP A 10 0.06 -5.78 3.94
C TRP A 10 -1.04 -4.85 4.48
N CYS A 11 -1.36 -3.85 3.70
CA CYS A 11 -2.40 -2.90 4.04
C CYS A 11 -3.78 -3.54 4.00
N GLN A 12 -4.01 -4.45 3.06
CA GLN A 12 -5.27 -5.20 2.99
C GLN A 12 -5.46 -6.07 4.23
N VAL A 13 -4.36 -6.50 4.81
CA VAL A 13 -4.38 -7.29 6.02
C VAL A 13 -4.71 -6.38 7.21
N MET A 14 -4.16 -5.19 7.18
CA MET A 14 -4.34 -4.21 8.24
C MET A 14 -5.77 -3.71 8.26
N LYS A 15 -6.23 -3.22 7.13
CA LYS A 15 -7.57 -2.72 7.00
C LYS A 15 -7.96 -2.77 5.54
N PRO A 16 -8.75 -3.79 5.14
CA PRO A 16 -9.18 -3.96 3.76
C PRO A 16 -9.92 -2.73 3.25
N GLN A 17 -9.35 -2.11 2.22
CA GLN A 17 -9.89 -0.88 1.64
C GLN A 17 -10.06 0.19 2.70
N GLY A 18 -9.00 0.41 3.45
CA GLY A 18 -9.01 1.41 4.49
C GLY A 18 -9.07 2.80 3.94
N GLY A 19 -9.39 3.75 4.78
CA GLY A 19 -9.46 5.11 4.35
C GLY A 19 -8.09 5.74 4.28
N GLU A 20 -7.70 6.43 5.33
CA GLU A 20 -6.42 7.10 5.33
C GLU A 20 -5.26 6.11 5.38
N GLU A 21 -5.53 4.93 5.93
CA GLU A 21 -4.54 3.86 5.98
C GLU A 21 -4.10 3.47 4.58
N GLN A 22 -5.06 3.10 3.73
CA GLN A 22 -4.76 2.63 2.39
C GLN A 22 -4.19 3.79 1.55
N ARG A 23 -4.62 5.00 1.88
CA ARG A 23 -4.11 6.20 1.26
C ARG A 23 -2.63 6.37 1.58
N ARG A 24 -2.31 6.41 2.88
CA ARG A 24 -0.95 6.57 3.36
C ARG A 24 -0.09 5.43 2.84
N CYS A 25 -0.66 4.24 2.87
CA CYS A 25 -0.05 3.06 2.29
C CYS A 25 0.42 3.32 0.89
N GLN A 26 -0.49 3.75 0.00
CA GLN A 26 -0.13 3.98 -1.38
C GLN A 26 0.85 5.12 -1.53
N GLN A 27 0.73 6.14 -0.67
CA GLN A 27 1.66 7.27 -0.69
C GLN A 27 3.10 6.82 -0.51
N GLU A 28 3.34 6.02 0.52
CA GLU A 28 4.69 5.54 0.79
C GLU A 28 5.06 4.36 -0.13
N CYS A 29 4.04 3.61 -0.52
CA CYS A 29 4.19 2.44 -1.38
C CYS A 29 4.76 2.89 -2.73
N GLU A 30 4.13 3.90 -3.31
CA GLU A 30 4.55 4.43 -4.57
C GLU A 30 5.81 5.26 -4.41
N GLU A 31 5.98 5.83 -3.21
CA GLU A 31 7.14 6.63 -2.89
C GLU A 31 8.41 5.79 -3.01
N ARG A 32 8.35 4.59 -2.45
CA ARG A 32 9.47 3.67 -2.49
C ARG A 32 9.60 3.06 -3.88
N LEU A 33 8.47 2.85 -4.52
CA LEU A 33 8.43 2.26 -5.85
C LEU A 33 9.08 3.19 -6.87
N ARG A 34 8.68 4.44 -6.83
CA ARG A 34 9.22 5.45 -7.70
C ARG A 34 10.56 5.90 -7.15
N ASP A 35 11.61 5.48 -7.79
CA ASP A 35 12.94 5.75 -7.29
C ASP A 35 13.48 7.00 -7.92
N PCA A 1 3.39 -6.97 -11.23
CA PCA A 1 2.83 -6.27 -10.09
CB PCA A 1 1.35 -6.07 -10.39
CG PCA A 1 1.09 -6.80 -11.70
CD PCA A 1 2.42 -7.49 -11.97
OE PCA A 1 2.54 -8.43 -12.75
C PCA A 1 2.98 -7.09 -8.83
O PCA A 1 2.25 -6.92 -7.87
H PCA A 1 4.34 -7.05 -11.44
HA PCA A 1 3.31 -5.32 -9.94
HB2 PCA A 1 1.12 -5.01 -10.50
HB3 PCA A 1 0.74 -6.50 -9.60
HG2 PCA A 1 0.89 -6.10 -12.51
HG3 PCA A 1 0.27 -7.50 -11.59
N LYS A 2 3.98 -7.97 -8.83
CA LYS A 2 4.22 -8.86 -7.73
C LYS A 2 4.61 -8.09 -6.49
N GLU A 3 5.51 -7.13 -6.67
CA GLU A 3 6.00 -6.33 -5.56
C GLU A 3 4.91 -5.40 -5.08
N THR A 4 4.09 -5.00 -6.01
CA THR A 4 2.97 -4.15 -5.78
C THR A 4 1.95 -4.86 -4.87
N GLU A 5 1.64 -6.09 -5.24
CA GLU A 5 0.68 -6.89 -4.52
C GLU A 5 1.13 -7.11 -3.07
N ILE A 6 2.39 -7.53 -2.90
CA ILE A 6 3.00 -7.75 -1.57
C ILE A 6 2.88 -6.49 -0.74
N CYS A 7 3.36 -5.40 -1.32
CA CYS A 7 3.32 -4.07 -0.74
C CYS A 7 1.89 -3.72 -0.29
N ARG A 8 0.94 -3.97 -1.18
CA ARG A 8 -0.45 -3.70 -0.88
C ARG A 8 -1.00 -4.64 0.19
N GLN A 9 -0.55 -5.91 0.21
CA GLN A 9 -1.03 -6.91 1.19
C GLN A 9 -0.78 -6.44 2.61
N TRP A 10 0.35 -5.80 2.80
CA TRP A 10 0.75 -5.27 4.09
C TRP A 10 -0.33 -4.27 4.58
N CYS A 11 -0.68 -3.34 3.72
CA CYS A 11 -1.70 -2.37 4.04
C CYS A 11 -3.12 -2.87 3.84
N GLN A 12 -3.25 -4.00 3.18
CA GLN A 12 -4.55 -4.63 2.98
C GLN A 12 -5.03 -5.14 4.34
N VAL A 13 -4.08 -5.56 5.15
CA VAL A 13 -4.35 -5.99 6.49
C VAL A 13 -4.50 -4.75 7.40
N MET A 14 -3.67 -3.75 7.17
CA MET A 14 -3.67 -2.55 8.00
C MET A 14 -4.94 -1.71 7.80
N LYS A 15 -5.24 -1.32 6.57
CA LYS A 15 -6.38 -0.45 6.30
C LYS A 15 -7.17 -0.94 5.08
N PRO A 16 -8.12 -1.84 5.29
CA PRO A 16 -8.97 -2.32 4.23
C PRO A 16 -10.21 -1.43 4.10
N GLN A 17 -10.38 -0.85 2.93
CA GLN A 17 -11.47 0.07 2.59
C GLN A 17 -11.41 1.35 3.42
N GLY A 18 -10.72 2.34 2.91
CA GLY A 18 -10.60 3.57 3.62
C GLY A 18 -10.43 4.74 2.69
N GLY A 19 -10.17 5.89 3.26
CA GLY A 19 -9.99 7.08 2.49
C GLY A 19 -8.58 7.57 2.58
N GLU A 20 -8.34 8.50 3.48
CA GLU A 20 -7.02 9.11 3.67
C GLU A 20 -6.02 8.08 4.13
N GLU A 21 -6.45 7.23 5.02
CA GLU A 21 -5.57 6.20 5.57
C GLU A 21 -5.20 5.18 4.51
N GLN A 22 -6.11 4.95 3.58
CA GLN A 22 -5.89 4.04 2.49
C GLN A 22 -4.98 4.73 1.47
N ARG A 23 -5.20 6.03 1.29
CA ARG A 23 -4.38 6.85 0.42
C ARG A 23 -2.96 6.94 0.99
N ARG A 24 -2.86 7.03 2.31
CA ARG A 24 -1.60 7.05 3.03
C ARG A 24 -0.81 5.81 2.63
N CYS A 25 -1.46 4.66 2.74
CA CYS A 25 -0.88 3.39 2.36
C CYS A 25 -0.61 3.29 0.86
N GLN A 26 -1.45 3.91 0.07
CA GLN A 26 -1.29 3.91 -1.37
C GLN A 26 -0.07 4.73 -1.75
N GLN A 27 0.04 5.94 -1.19
CA GLN A 27 1.17 6.83 -1.42
C GLN A 27 2.46 6.16 -0.94
N GLU A 28 2.39 5.57 0.26
CA GLU A 28 3.47 4.77 0.83
C GLU A 28 3.91 3.70 -0.14
N CYS A 29 2.95 2.99 -0.69
CA CYS A 29 3.19 1.89 -1.57
C CYS A 29 3.75 2.36 -2.91
N GLU A 30 3.21 3.45 -3.45
CA GLU A 30 3.69 4.01 -4.70
C GLU A 30 5.16 4.42 -4.57
N GLU A 31 5.48 5.09 -3.48
CA GLU A 31 6.84 5.53 -3.17
C GLU A 31 7.76 4.33 -2.88
N ARG A 32 7.16 3.24 -2.49
CA ARG A 32 7.88 2.02 -2.17
C ARG A 32 8.11 1.17 -3.41
N LEU A 33 7.16 1.20 -4.31
CA LEU A 33 7.24 0.47 -5.56
C LEU A 33 8.18 1.16 -6.53
N ARG A 34 8.00 2.46 -6.69
CA ARG A 34 8.80 3.24 -7.62
C ARG A 34 10.18 3.46 -7.08
N ASP A 35 10.22 3.82 -5.82
CA ASP A 35 11.43 4.10 -5.08
C ASP A 35 12.25 5.20 -5.71
N PCA A 1 3.05 -7.22 -11.43
CA PCA A 1 2.38 -6.39 -10.42
CB PCA A 1 0.92 -6.32 -10.83
CG PCA A 1 0.75 -7.30 -11.96
CD PCA A 1 2.15 -7.84 -12.20
OE PCA A 1 2.40 -8.75 -13.00
C PCA A 1 2.48 -7.02 -9.04
O PCA A 1 1.96 -6.48 -8.05
H PCA A 1 4.02 -7.30 -11.55
HA PCA A 1 2.82 -5.41 -10.38
HB2 PCA A 1 0.68 -5.31 -11.16
HB3 PCA A 1 0.29 -6.59 -9.99
HG2 PCA A 1 0.40 -6.80 -12.87
HG3 PCA A 1 0.06 -8.09 -11.66
N LYS A 2 3.17 -8.15 -8.98
CA LYS A 2 3.32 -8.94 -7.76
C LYS A 2 4.02 -8.16 -6.65
N GLU A 3 4.99 -7.35 -7.02
CA GLU A 3 5.75 -6.57 -6.06
C GLU A 3 4.84 -5.61 -5.33
N THR A 4 4.02 -4.95 -6.08
CA THR A 4 3.10 -4.01 -5.53
C THR A 4 1.93 -4.74 -4.82
N GLU A 5 1.68 -5.97 -5.22
CA GLU A 5 0.62 -6.79 -4.63
C GLU A 5 0.93 -7.11 -3.17
N ILE A 6 2.14 -7.62 -2.91
CA ILE A 6 2.55 -7.92 -1.52
C ILE A 6 2.71 -6.62 -0.74
N CYS A 7 3.14 -5.58 -1.45
CA CYS A 7 3.25 -4.25 -0.89
C CYS A 7 1.87 -3.77 -0.40
N ARG A 8 0.83 -3.92 -1.23
CA ARG A 8 -0.53 -3.58 -0.84
C ARG A 8 -0.99 -4.48 0.28
N GLN A 9 -0.65 -5.77 0.16
CA GLN A 9 -1.04 -6.83 1.11
C GLN A 9 -0.74 -6.42 2.55
N TRP A 10 0.38 -5.75 2.75
CA TRP A 10 0.80 -5.28 4.05
C TRP A 10 -0.28 -4.36 4.65
N CYS A 11 -0.73 -3.42 3.85
CA CYS A 11 -1.74 -2.46 4.25
C CYS A 11 -3.13 -3.07 4.19
N GLN A 12 -3.31 -4.00 3.26
CA GLN A 12 -4.56 -4.68 3.05
C GLN A 12 -4.95 -5.50 4.28
N VAL A 13 -3.97 -6.20 4.85
CA VAL A 13 -4.21 -6.98 6.05
C VAL A 13 -4.24 -6.07 7.29
N MET A 14 -3.50 -4.95 7.23
CA MET A 14 -3.49 -3.98 8.33
C MET A 14 -4.88 -3.42 8.56
N LYS A 15 -5.47 -2.88 7.51
CA LYS A 15 -6.81 -2.37 7.57
C LYS A 15 -7.39 -2.34 6.17
N PRO A 16 -8.33 -3.24 5.85
CA PRO A 16 -8.94 -3.28 4.52
C PRO A 16 -9.72 -1.99 4.23
N GLN A 17 -9.31 -1.29 3.17
CA GLN A 17 -9.90 -0.03 2.71
C GLN A 17 -9.63 1.12 3.68
N GLY A 18 -10.02 2.30 3.26
CA GLY A 18 -9.89 3.45 4.08
C GLY A 18 -9.84 4.66 3.20
N GLY A 19 -9.98 5.81 3.79
CA GLY A 19 -9.93 7.01 3.02
C GLY A 19 -8.51 7.49 2.88
N GLU A 20 -8.08 8.27 3.85
CA GLU A 20 -6.76 8.81 3.83
C GLU A 20 -5.73 7.73 4.03
N GLU A 21 -6.06 6.75 4.87
CA GLU A 21 -5.16 5.63 5.17
C GLU A 21 -4.74 4.92 3.91
N GLN A 22 -5.69 4.74 3.01
CA GLN A 22 -5.43 4.04 1.79
C GLN A 22 -4.57 4.88 0.86
N ARG A 23 -4.83 6.18 0.84
CA ARG A 23 -4.05 7.09 0.02
C ARG A 23 -2.61 7.19 0.58
N ARG A 24 -2.49 7.10 1.90
CA ARG A 24 -1.19 7.12 2.57
C ARG A 24 -0.41 5.88 2.18
N CYS A 25 -1.00 4.71 2.38
CA CYS A 25 -0.39 3.44 1.99
C CYS A 25 -0.08 3.39 0.51
N GLN A 26 -0.95 3.97 -0.32
CA GLN A 26 -0.72 4.03 -1.75
C GLN A 26 0.57 4.79 -2.04
N GLN A 27 0.71 5.97 -1.46
CA GLN A 27 1.89 6.78 -1.68
C GLN A 27 3.12 6.09 -1.13
N GLU A 28 3.02 5.56 0.09
CA GLU A 28 4.11 4.83 0.71
C GLU A 28 4.57 3.69 -0.17
N CYS A 29 3.62 2.93 -0.67
CA CYS A 29 3.91 1.79 -1.51
C CYS A 29 4.67 2.23 -2.77
N GLU A 30 4.22 3.32 -3.38
CA GLU A 30 4.88 3.84 -4.57
C GLU A 30 6.27 4.37 -4.27
N GLU A 31 6.44 5.05 -3.15
CA GLU A 31 7.73 5.63 -2.80
C GLU A 31 8.74 4.60 -2.32
N ARG A 32 8.26 3.53 -1.71
CA ARG A 32 9.15 2.45 -1.26
C ARG A 32 9.62 1.66 -2.44
N LEU A 33 8.70 1.38 -3.34
CA LEU A 33 9.00 0.71 -4.58
C LEU A 33 9.91 1.58 -5.42
N ARG A 34 9.52 2.85 -5.53
CA ARG A 34 10.20 3.88 -6.27
C ARG A 34 10.51 3.43 -7.68
N ASP A 35 9.50 3.48 -8.48
CA ASP A 35 9.52 3.09 -9.86
C ASP A 35 8.81 4.14 -10.65
N PCA A 1 7.30 -7.55 -9.23
CA PCA A 1 6.50 -6.60 -8.47
CB PCA A 1 5.30 -6.27 -9.34
CG PCA A 1 5.37 -7.20 -10.52
CD PCA A 1 6.63 -8.00 -10.28
OE PCA A 1 6.96 -8.96 -10.99
C PCA A 1 6.03 -7.19 -7.15
O PCA A 1 5.11 -6.69 -6.53
H PCA A 1 8.22 -7.80 -9.01
HA PCA A 1 7.08 -5.71 -8.26
HB2 PCA A 1 5.35 -5.22 -9.66
HB3 PCA A 1 4.38 -6.43 -8.77
HG2 PCA A 1 5.47 -6.64 -11.45
HG3 PCA A 1 4.48 -7.84 -10.55
N LYS A 2 6.72 -8.22 -6.70
CA LYS A 2 6.33 -8.92 -5.48
C LYS A 2 6.45 -8.06 -4.23
N GLU A 3 7.38 -7.11 -4.24
CA GLU A 3 7.51 -6.19 -3.12
C GLU A 3 6.30 -5.26 -3.05
N THR A 4 5.76 -5.00 -4.21
CA THR A 4 4.59 -4.18 -4.34
C THR A 4 3.35 -5.01 -3.97
N GLU A 5 3.41 -6.30 -4.27
CA GLU A 5 2.34 -7.22 -3.96
C GLU A 5 2.15 -7.30 -2.44
N ILE A 6 3.23 -7.56 -1.70
CA ILE A 6 3.14 -7.57 -0.23
C ILE A 6 2.83 -6.20 0.31
N CYS A 7 3.35 -5.19 -0.36
CA CYS A 7 3.10 -3.80 -0.02
C CYS A 7 1.60 -3.51 0.10
N ARG A 8 0.83 -3.96 -0.88
CA ARG A 8 -0.59 -3.76 -0.81
C ARG A 8 -1.25 -4.78 0.12
N GLN A 9 -0.83 -6.04 0.06
CA GLN A 9 -1.42 -7.09 0.91
C GLN A 9 -1.33 -6.74 2.39
N TRP A 10 -0.18 -6.21 2.78
CA TRP A 10 0.07 -5.83 4.16
C TRP A 10 -0.98 -4.79 4.59
N CYS A 11 -1.12 -3.75 3.78
CA CYS A 11 -2.09 -2.70 4.05
C CYS A 11 -3.52 -3.23 3.98
N GLN A 12 -3.79 -4.12 3.03
CA GLN A 12 -5.11 -4.71 2.84
C GLN A 12 -5.55 -5.48 4.09
N VAL A 13 -4.65 -6.28 4.62
CA VAL A 13 -4.95 -7.09 5.78
C VAL A 13 -4.96 -6.27 7.06
N MET A 14 -3.94 -5.43 7.23
CA MET A 14 -3.78 -4.66 8.45
C MET A 14 -4.84 -3.57 8.59
N LYS A 15 -5.03 -2.80 7.55
CA LYS A 15 -5.93 -1.68 7.59
C LYS A 15 -6.91 -1.68 6.40
N PRO A 16 -7.96 -2.49 6.49
CA PRO A 16 -8.94 -2.61 5.42
C PRO A 16 -9.99 -1.52 5.48
N GLN A 17 -10.07 -0.75 4.40
CA GLN A 17 -11.00 0.36 4.24
C GLN A 17 -10.64 1.54 5.15
N GLY A 18 -9.99 2.52 4.58
CA GLY A 18 -9.61 3.69 5.30
C GLY A 18 -9.36 4.81 4.34
N GLY A 19 -9.26 6.01 4.84
CA GLY A 19 -9.05 7.14 3.99
C GLY A 19 -7.60 7.46 3.83
N GLU A 20 -7.10 8.32 4.69
CA GLU A 20 -5.71 8.74 4.66
C GLU A 20 -4.76 7.59 4.92
N GLU A 21 -5.20 6.64 5.73
CA GLU A 21 -4.38 5.46 6.04
C GLU A 21 -4.08 4.65 4.77
N GLN A 22 -5.10 4.34 4.00
CA GLN A 22 -4.92 3.55 2.79
C GLN A 22 -4.31 4.41 1.70
N ARG A 23 -4.64 5.70 1.71
CA ARG A 23 -4.11 6.66 0.75
C ARG A 23 -2.60 6.77 0.92
N ARG A 24 -2.17 6.78 2.16
CA ARG A 24 -0.77 6.84 2.52
C ARG A 24 -0.09 5.59 2.02
N CYS A 25 -0.74 4.43 2.23
CA CYS A 25 -0.24 3.16 1.68
C CYS A 25 -0.07 3.25 0.18
N GLN A 26 -1.08 3.78 -0.51
CA GLN A 26 -1.05 3.95 -1.97
C GLN A 26 0.17 4.75 -2.39
N GLN A 27 0.30 5.95 -1.84
CA GLN A 27 1.37 6.85 -2.21
C GLN A 27 2.75 6.27 -1.93
N GLU A 28 2.93 5.71 -0.74
CA GLU A 28 4.20 5.10 -0.36
C GLU A 28 4.52 3.93 -1.26
N CYS A 29 3.50 3.14 -1.55
CA CYS A 29 3.64 1.95 -2.35
C CYS A 29 4.04 2.32 -3.77
N GLU A 30 3.36 3.30 -4.32
CA GLU A 30 3.60 3.75 -5.67
C GLU A 30 4.92 4.52 -5.79
N GLU A 31 5.35 5.16 -4.71
CA GLU A 31 6.62 5.85 -4.70
C GLU A 31 7.75 4.81 -4.71
N ARG A 32 7.53 3.71 -4.00
CA ARG A 32 8.48 2.60 -3.99
C ARG A 32 8.48 1.90 -5.36
N LEU A 33 7.27 1.80 -5.94
CA LEU A 33 7.04 1.18 -7.24
C LEU A 33 7.86 1.87 -8.31
N ARG A 34 7.93 3.21 -8.22
CA ARG A 34 8.69 4.06 -9.14
C ARG A 34 8.18 3.89 -10.56
N ASP A 35 7.02 4.41 -10.79
CA ASP A 35 6.35 4.28 -12.07
C ASP A 35 5.59 5.53 -12.37
N PCA A 1 3.00 -8.63 -10.82
CA PCA A 1 4.07 -8.01 -10.04
CB PCA A 1 3.97 -6.51 -10.28
CG PCA A 1 2.88 -6.31 -11.31
CD PCA A 1 2.32 -7.71 -11.53
OE PCA A 1 1.36 -7.96 -12.26
C PCA A 1 3.88 -8.34 -8.56
O PCA A 1 3.01 -7.76 -7.88
H PCA A 1 2.82 -9.59 -10.81
HA PCA A 1 5.02 -8.40 -10.34
HB2 PCA A 1 4.93 -6.15 -10.66
HB3 PCA A 1 3.73 -6.01 -9.34
HG2 PCA A 1 3.29 -5.94 -12.24
HG3 PCA A 1 2.12 -5.64 -10.91
N LYS A 2 4.68 -9.28 -8.09
CA LYS A 2 4.60 -9.80 -6.72
C LYS A 2 4.89 -8.75 -5.68
N GLU A 3 5.86 -7.89 -5.91
CA GLU A 3 6.22 -6.90 -4.93
C GLU A 3 5.09 -5.91 -4.74
N THR A 4 4.35 -5.69 -5.81
CA THR A 4 3.20 -4.83 -5.77
C THR A 4 2.08 -5.49 -4.94
N GLU A 5 1.98 -6.82 -5.05
CA GLU A 5 1.00 -7.59 -4.30
C GLU A 5 1.30 -7.49 -2.82
N ILE A 6 2.55 -7.75 -2.46
CA ILE A 6 3.01 -7.70 -1.08
C ILE A 6 2.83 -6.30 -0.52
N CYS A 7 3.33 -5.31 -1.28
CA CYS A 7 3.25 -3.89 -0.92
C CYS A 7 1.81 -3.48 -0.56
N ARG A 8 0.84 -3.94 -1.36
CA ARG A 8 -0.55 -3.67 -1.09
C ARG A 8 -1.05 -4.52 0.07
N GLN A 9 -0.79 -5.82 0.02
CA GLN A 9 -1.27 -6.78 1.03
C GLN A 9 -0.88 -6.38 2.45
N TRP A 10 0.34 -5.86 2.58
CA TRP A 10 0.86 -5.41 3.85
C TRP A 10 -0.07 -4.38 4.47
N CYS A 11 -0.41 -3.36 3.71
CA CYS A 11 -1.32 -2.32 4.19
C CYS A 11 -2.77 -2.77 4.18
N GLN A 12 -3.10 -3.63 3.22
CA GLN A 12 -4.44 -4.17 3.07
C GLN A 12 -4.89 -4.87 4.35
N VAL A 13 -4.02 -5.68 4.89
CA VAL A 13 -4.34 -6.45 6.08
C VAL A 13 -4.07 -5.65 7.36
N MET A 14 -2.99 -4.88 7.36
CA MET A 14 -2.59 -4.09 8.54
C MET A 14 -3.65 -3.06 8.91
N LYS A 15 -4.21 -2.43 7.92
CA LYS A 15 -5.24 -1.45 8.12
C LYS A 15 -6.46 -1.79 7.28
N PRO A 16 -7.57 -2.24 7.92
CA PRO A 16 -8.81 -2.56 7.22
C PRO A 16 -9.30 -1.39 6.39
N GLN A 17 -10.12 -1.66 5.42
CA GLN A 17 -10.54 -0.68 4.44
C GLN A 17 -11.34 0.44 5.08
N GLY A 18 -10.76 1.60 5.08
CA GLY A 18 -11.39 2.77 5.61
C GLY A 18 -11.34 3.87 4.61
N GLY A 19 -10.31 4.67 4.68
CA GLY A 19 -10.16 5.74 3.74
C GLY A 19 -8.76 6.30 3.71
N GLU A 20 -8.47 7.17 4.67
CA GLU A 20 -7.17 7.86 4.75
C GLU A 20 -6.04 6.86 4.82
N GLU A 21 -6.27 5.81 5.57
CA GLU A 21 -5.34 4.71 5.76
C GLU A 21 -4.84 4.19 4.41
N GLN A 22 -5.78 3.85 3.56
CA GLN A 22 -5.48 3.33 2.25
C GLN A 22 -4.85 4.37 1.36
N ARG A 23 -5.32 5.60 1.47
CA ARG A 23 -4.76 6.71 0.72
C ARG A 23 -3.28 6.92 1.09
N ARG A 24 -3.00 6.93 2.39
CA ARG A 24 -1.63 7.07 2.88
C ARG A 24 -0.79 5.90 2.43
N CYS A 25 -1.32 4.71 2.60
CA CYS A 25 -0.66 3.48 2.20
C CYS A 25 -0.41 3.40 0.71
N GLN A 26 -1.27 3.98 -0.08
CA GLN A 26 -1.10 4.00 -1.52
C GLN A 26 0.12 4.86 -1.84
N GLN A 27 0.21 6.00 -1.17
CA GLN A 27 1.32 6.93 -1.33
C GLN A 27 2.62 6.28 -0.86
N GLU A 28 2.58 5.68 0.33
CA GLU A 28 3.74 4.97 0.87
C GLU A 28 4.18 3.84 -0.04
N CYS A 29 3.20 3.09 -0.54
CA CYS A 29 3.46 1.96 -1.41
C CYS A 29 4.20 2.40 -2.66
N GLU A 30 3.62 3.33 -3.42
CA GLU A 30 4.23 3.80 -4.67
C GLU A 30 5.61 4.38 -4.45
N GLU A 31 5.76 5.11 -3.36
CA GLU A 31 7.00 5.76 -3.02
C GLU A 31 8.13 4.74 -2.84
N ARG A 32 7.82 3.64 -2.17
CA ARG A 32 8.82 2.62 -1.84
C ARG A 32 8.92 1.57 -2.94
N LEU A 33 7.83 1.36 -3.64
CA LEU A 33 7.75 0.39 -4.71
C LEU A 33 8.54 0.89 -5.92
N ARG A 34 8.49 2.17 -6.16
CA ARG A 34 9.19 2.74 -7.27
C ARG A 34 10.56 3.16 -6.79
N ASP A 35 11.45 2.22 -6.75
CA ASP A 35 12.79 2.48 -6.28
C ASP A 35 13.77 1.71 -7.11
N PCA A 1 5.90 -7.57 -10.11
CA PCA A 1 4.81 -6.94 -9.37
CB PCA A 1 3.53 -7.29 -10.11
CG PCA A 1 3.93 -8.23 -11.22
CD PCA A 1 5.41 -8.46 -10.98
OE PCA A 1 6.05 -9.35 -11.51
C PCA A 1 4.75 -7.47 -7.96
O PCA A 1 3.87 -7.11 -7.19
H PCA A 1 6.85 -7.38 -9.98
HA PCA A 1 4.94 -5.87 -9.32
HB2 PCA A 1 3.08 -6.39 -10.52
HB3 PCA A 1 2.84 -7.78 -9.42
HG2 PCA A 1 3.79 -7.77 -12.20
HG3 PCA A 1 3.37 -9.17 -11.15
N LYS A 2 5.73 -8.29 -7.63
CA LYS A 2 5.79 -8.97 -6.35
C LYS A 2 5.87 -7.98 -5.21
N GLU A 3 6.71 -6.98 -5.36
CA GLU A 3 6.89 -6.00 -4.32
C GLU A 3 5.63 -5.17 -4.13
N THR A 4 4.92 -4.99 -5.20
CA THR A 4 3.67 -4.26 -5.20
C THR A 4 2.58 -5.09 -4.51
N GLU A 5 2.62 -6.39 -4.70
CA GLU A 5 1.66 -7.30 -4.12
C GLU A 5 1.82 -7.38 -2.62
N ILE A 6 3.03 -7.64 -2.16
CA ILE A 6 3.30 -7.76 -0.73
C ILE A 6 3.09 -6.41 -0.06
N CYS A 7 3.49 -5.35 -0.74
CA CYS A 7 3.34 -3.99 -0.26
C CYS A 7 1.85 -3.68 0.01
N ARG A 8 0.98 -4.08 -0.89
CA ARG A 8 -0.42 -3.85 -0.69
C ARG A 8 -0.99 -4.81 0.34
N GLN A 9 -0.64 -6.09 0.23
CA GLN A 9 -1.20 -7.10 1.12
C GLN A 9 -0.83 -6.88 2.57
N TRP A 10 0.34 -6.31 2.82
CA TRP A 10 0.75 -5.97 4.18
C TRP A 10 -0.25 -4.99 4.77
N CYS A 11 -0.56 -3.95 4.03
CA CYS A 11 -1.53 -2.94 4.43
C CYS A 11 -2.93 -3.56 4.48
N GLN A 12 -3.26 -4.34 3.46
CA GLN A 12 -4.56 -4.94 3.30
C GLN A 12 -4.94 -5.84 4.48
N VAL A 13 -4.00 -6.63 4.96
CA VAL A 13 -4.30 -7.51 6.08
C VAL A 13 -4.10 -6.80 7.41
N MET A 14 -3.36 -5.70 7.41
CA MET A 14 -3.13 -4.95 8.63
C MET A 14 -4.36 -4.15 9.00
N LYS A 15 -4.93 -3.45 8.03
CA LYS A 15 -6.10 -2.66 8.28
C LYS A 15 -6.88 -2.42 6.99
N PRO A 16 -7.94 -3.21 6.76
CA PRO A 16 -8.81 -3.03 5.61
C PRO A 16 -9.89 -2.00 5.92
N GLN A 17 -9.93 -0.94 5.16
CA GLN A 17 -10.90 0.11 5.35
C GLN A 17 -10.96 1.01 4.14
N GLY A 18 -9.82 1.48 3.72
CA GLY A 18 -9.77 2.42 2.67
C GLY A 18 -9.47 3.76 3.24
N GLY A 19 -10.16 4.77 2.76
CA GLY A 19 -10.03 6.12 3.29
C GLY A 19 -8.61 6.63 3.30
N GLU A 20 -8.23 7.25 4.40
CA GLU A 20 -6.92 7.86 4.54
C GLU A 20 -5.86 6.78 4.72
N GLU A 21 -6.26 5.66 5.31
CA GLU A 21 -5.38 4.52 5.54
C GLU A 21 -4.83 4.03 4.21
N GLN A 22 -5.72 3.97 3.23
CA GLN A 22 -5.37 3.56 1.91
C GLN A 22 -4.52 4.61 1.24
N ARG A 23 -4.85 5.88 1.46
CA ARG A 23 -4.09 6.99 0.85
C ARG A 23 -2.65 6.95 1.34
N ARG A 24 -2.49 6.74 2.64
CA ARG A 24 -1.17 6.64 3.24
C ARG A 24 -0.39 5.47 2.67
N CYS A 25 -1.00 4.29 2.63
CA CYS A 25 -0.34 3.14 2.04
C CYS A 25 -0.03 3.34 0.57
N GLN A 26 -0.93 4.00 -0.15
CA GLN A 26 -0.74 4.32 -1.57
C GLN A 26 0.54 5.14 -1.76
N GLN A 27 0.64 6.22 -1.01
CA GLN A 27 1.78 7.14 -1.06
C GLN A 27 3.10 6.41 -0.81
N GLU A 28 3.19 5.78 0.34
CA GLU A 28 4.42 5.12 0.75
C GLU A 28 4.75 3.92 -0.15
N CYS A 29 3.73 3.22 -0.63
CA CYS A 29 3.94 2.03 -1.43
C CYS A 29 4.60 2.39 -2.75
N GLU A 30 4.03 3.35 -3.48
CA GLU A 30 4.57 3.71 -4.78
C GLU A 30 5.87 4.48 -4.70
N GLU A 31 6.10 5.16 -3.60
CA GLU A 31 7.34 5.90 -3.42
C GLU A 31 8.48 4.90 -3.17
N ARG A 32 8.20 3.91 -2.36
CA ARG A 32 9.13 2.84 -2.04
C ARG A 32 9.37 1.97 -3.27
N LEU A 33 8.33 1.76 -4.03
CA LEU A 33 8.37 0.96 -5.23
C LEU A 33 9.17 1.67 -6.32
N ARG A 34 9.07 3.00 -6.34
CA ARG A 34 9.77 3.81 -7.32
C ARG A 34 11.25 3.76 -7.07
N ASP A 35 11.93 3.06 -7.90
CA ASP A 35 13.35 2.91 -7.84
C ASP A 35 13.86 3.02 -9.22
N PCA A 1 6.83 -7.59 -9.85
CA PCA A 1 5.76 -6.86 -9.15
CB PCA A 1 4.57 -6.86 -10.10
CG PCA A 1 4.91 -7.85 -11.20
CD PCA A 1 6.30 -8.35 -10.80
OE PCA A 1 6.82 -9.35 -11.31
C PCA A 1 5.39 -7.57 -7.86
O PCA A 1 4.41 -7.23 -7.21
H PCA A 1 7.78 -7.52 -9.65
HA PCA A 1 6.07 -5.85 -8.92
HB2 PCA A 1 4.41 -5.87 -10.51
HB3 PCA A 1 3.68 -7.19 -9.56
HG2 PCA A 1 4.98 -7.35 -12.17
HG3 PCA A 1 4.19 -8.66 -11.22
N LYS A 2 6.20 -8.53 -7.49
CA LYS A 2 5.94 -9.37 -6.34
C LYS A 2 6.06 -8.60 -5.05
N GLU A 3 6.99 -7.67 -5.01
CA GLU A 3 7.17 -6.85 -3.82
C GLU A 3 6.06 -5.82 -3.70
N THR A 4 5.52 -5.46 -4.83
CA THR A 4 4.42 -4.53 -4.92
C THR A 4 3.13 -5.22 -4.47
N GLU A 5 3.07 -6.52 -4.77
CA GLU A 5 1.98 -7.39 -4.38
C GLU A 5 1.91 -7.45 -2.84
N ILE A 6 3.07 -7.67 -2.21
CA ILE A 6 3.18 -7.69 -0.75
C ILE A 6 2.79 -6.34 -0.18
N CYS A 7 3.35 -5.30 -0.79
CA CYS A 7 3.08 -3.91 -0.43
C CYS A 7 1.57 -3.62 -0.28
N ARG A 8 0.77 -4.08 -1.24
CA ARG A 8 -0.68 -3.92 -1.11
C ARG A 8 -1.24 -4.81 -0.01
N GLN A 9 -0.82 -6.07 0.01
CA GLN A 9 -1.34 -7.04 0.98
C GLN A 9 -1.15 -6.57 2.44
N TRP A 10 -0.05 -5.87 2.68
CA TRP A 10 0.22 -5.30 4.00
C TRP A 10 -0.87 -4.29 4.38
N CYS A 11 -1.09 -3.32 3.51
CA CYS A 11 -2.11 -2.30 3.73
C CYS A 11 -3.52 -2.86 3.65
N GLN A 12 -3.71 -3.86 2.82
CA GLN A 12 -4.99 -4.50 2.61
C GLN A 12 -5.53 -5.04 3.94
N VAL A 13 -4.69 -5.76 4.65
CA VAL A 13 -5.07 -6.40 5.89
C VAL A 13 -5.09 -5.42 7.07
N MET A 14 -4.13 -4.52 7.13
CA MET A 14 -4.04 -3.61 8.27
C MET A 14 -4.93 -2.38 8.16
N LYS A 15 -5.23 -1.95 6.96
CA LYS A 15 -6.03 -0.75 6.76
C LYS A 15 -7.41 -1.12 6.25
N PRO A 16 -8.45 -0.99 7.10
CA PRO A 16 -9.83 -1.33 6.76
C PRO A 16 -10.42 -0.45 5.66
N GLN A 17 -10.84 -1.11 4.58
CA GLN A 17 -11.49 -0.49 3.41
C GLN A 17 -10.56 0.42 2.62
N GLY A 18 -10.15 1.50 3.20
CA GLY A 18 -9.27 2.40 2.53
C GLY A 18 -9.36 3.80 3.06
N GLY A 19 -9.70 4.73 2.19
CA GLY A 19 -9.79 6.12 2.57
C GLY A 19 -8.42 6.74 2.60
N GLU A 20 -8.19 7.64 3.54
CA GLU A 20 -6.88 8.28 3.73
C GLU A 20 -5.77 7.25 3.94
N GLU A 21 -6.14 6.14 4.57
CA GLU A 21 -5.24 5.04 4.81
C GLU A 21 -4.73 4.45 3.50
N GLN A 22 -5.63 4.34 2.54
CA GLN A 22 -5.33 3.77 1.24
C GLN A 22 -4.55 4.78 0.41
N ARG A 23 -4.89 6.06 0.59
CA ARG A 23 -4.19 7.16 -0.09
C ARG A 23 -2.73 7.17 0.33
N ARG A 24 -2.52 7.13 1.65
CA ARG A 24 -1.18 7.08 2.21
C ARG A 24 -0.46 5.83 1.72
N CYS A 25 -1.16 4.70 1.77
CA CYS A 25 -0.59 3.45 1.32
C CYS A 25 -0.17 3.46 -0.13
N GLN A 26 -0.95 4.10 -1.00
CA GLN A 26 -0.56 4.21 -2.39
C GLN A 26 0.73 4.99 -2.48
N GLN A 27 0.75 6.13 -1.80
CA GLN A 27 1.89 7.03 -1.77
C GLN A 27 3.14 6.30 -1.31
N GLU A 28 3.03 5.62 -0.18
CA GLU A 28 4.17 4.90 0.38
C GLU A 28 4.54 3.70 -0.47
N CYS A 29 3.57 3.13 -1.17
CA CYS A 29 3.82 1.98 -2.00
C CYS A 29 4.59 2.42 -3.23
N GLU A 30 4.19 3.55 -3.81
CA GLU A 30 4.86 4.11 -4.98
C GLU A 30 6.23 4.63 -4.57
N GLU A 31 6.33 5.10 -3.33
CA GLU A 31 7.57 5.58 -2.77
C GLU A 31 8.54 4.41 -2.58
N ARG A 32 8.00 3.27 -2.19
CA ARG A 32 8.78 2.08 -1.93
C ARG A 32 9.14 1.39 -3.24
N LEU A 33 8.24 1.45 -4.20
CA LEU A 33 8.50 0.88 -5.51
C LEU A 33 9.46 1.79 -6.27
N ARG A 34 9.37 3.09 -5.97
CA ARG A 34 10.20 4.16 -6.51
C ARG A 34 9.91 4.39 -7.99
N ASP A 35 10.42 3.50 -8.80
CA ASP A 35 10.38 3.57 -10.24
C ASP A 35 11.02 2.32 -10.77
N PCA A 1 5.71 -8.31 -10.27
CA PCA A 1 5.20 -7.15 -9.54
CB PCA A 1 3.95 -6.69 -10.27
CG PCA A 1 3.68 -7.76 -11.31
CD PCA A 1 4.79 -8.77 -11.11
OE PCA A 1 4.81 -9.86 -11.67
C PCA A 1 4.85 -7.53 -8.13
O PCA A 1 4.23 -6.76 -7.39
H PCA A 1 6.61 -8.68 -10.15
HA PCA A 1 5.95 -6.37 -9.52
HB2 PCA A 1 4.14 -5.73 -10.76
HB3 PCA A 1 3.13 -6.61 -9.58
HG2 PCA A 1 3.75 -7.35 -12.32
HG3 PCA A 1 2.70 -8.21 -11.15
N LYS A 2 5.29 -8.72 -7.72
CA LYS A 2 4.94 -9.23 -6.43
C LYS A 2 5.56 -8.50 -5.27
N GLU A 3 6.59 -7.71 -5.53
CA GLU A 3 7.18 -6.91 -4.47
C GLU A 3 6.21 -5.83 -4.05
N THR A 4 5.57 -5.28 -5.04
CA THR A 4 4.58 -4.26 -4.84
C THR A 4 3.29 -4.90 -4.30
N GLU A 5 3.06 -6.14 -4.74
CA GLU A 5 1.93 -6.94 -4.30
C GLU A 5 1.97 -7.12 -2.78
N ILE A 6 3.12 -7.58 -2.27
CA ILE A 6 3.32 -7.77 -0.81
C ILE A 6 3.09 -6.46 -0.09
N CYS A 7 3.73 -5.44 -0.64
CA CYS A 7 3.63 -4.06 -0.15
C CYS A 7 2.17 -3.62 0.05
N ARG A 8 1.33 -3.76 -0.98
CA ARG A 8 -0.07 -3.38 -0.88
C ARG A 8 -0.82 -4.36 0.00
N GLN A 9 -0.49 -5.65 -0.12
CA GLN A 9 -1.15 -6.71 0.65
C GLN A 9 -1.05 -6.42 2.15
N TRP A 10 0.11 -5.95 2.56
CA TRP A 10 0.36 -5.61 3.95
C TRP A 10 -0.60 -4.50 4.39
N CYS A 11 -0.73 -3.48 3.56
CA CYS A 11 -1.62 -2.37 3.86
C CYS A 11 -3.08 -2.76 3.72
N GLN A 12 -3.38 -3.70 2.85
CA GLN A 12 -4.73 -4.20 2.68
C GLN A 12 -5.20 -4.91 3.95
N VAL A 13 -4.26 -5.53 4.63
CA VAL A 13 -4.55 -6.23 5.86
C VAL A 13 -4.50 -5.27 7.05
N MET A 14 -3.46 -4.46 7.11
CA MET A 14 -3.25 -3.54 8.23
C MET A 14 -4.19 -2.33 8.21
N LYS A 15 -4.45 -1.79 7.04
CA LYS A 15 -5.28 -0.60 6.88
C LYS A 15 -6.34 -0.84 5.77
N PRO A 16 -7.38 -1.62 6.05
CA PRO A 16 -8.40 -1.97 5.07
C PRO A 16 -9.53 -0.95 5.02
N GLN A 17 -9.72 -0.35 3.84
CA GLN A 17 -10.77 0.63 3.56
C GLN A 17 -10.60 1.90 4.41
N GLY A 18 -11.53 2.79 4.29
CA GLY A 18 -11.51 3.99 5.05
C GLY A 18 -11.26 5.18 4.17
N GLY A 19 -10.03 5.61 4.12
CA GLY A 19 -9.68 6.70 3.27
C GLY A 19 -8.23 7.08 3.43
N GLU A 20 -7.99 8.01 4.33
CA GLU A 20 -6.66 8.63 4.53
C GLU A 20 -5.53 7.65 4.76
N GLU A 21 -5.74 6.66 5.60
CA GLU A 21 -4.71 5.69 5.91
C GLU A 21 -4.40 4.82 4.69
N GLN A 22 -5.42 4.52 3.93
CA GLN A 22 -5.27 3.73 2.74
C GLN A 22 -4.56 4.56 1.67
N ARG A 23 -4.91 5.85 1.61
CA ARG A 23 -4.29 6.80 0.70
C ARG A 23 -2.80 6.92 1.00
N ARG A 24 -2.47 6.97 2.29
CA ARG A 24 -1.07 7.04 2.69
C ARG A 24 -0.31 5.81 2.24
N CYS A 25 -0.90 4.64 2.40
CA CYS A 25 -0.27 3.40 1.94
C CYS A 25 -0.11 3.37 0.44
N GLN A 26 -1.07 3.94 -0.28
CA GLN A 26 -1.00 4.00 -1.72
C GLN A 26 0.20 4.84 -2.13
N GLN A 27 0.31 6.02 -1.54
CA GLN A 27 1.41 6.95 -1.77
C GLN A 27 2.74 6.29 -1.37
N GLU A 28 2.75 5.71 -0.17
CA GLU A 28 3.92 5.01 0.39
C GLU A 28 4.46 3.97 -0.54
N CYS A 29 3.59 3.13 -1.02
CA CYS A 29 3.98 2.00 -1.84
C CYS A 29 4.52 2.50 -3.19
N GLU A 30 3.95 3.59 -3.71
CA GLU A 30 4.40 4.16 -4.97
C GLU A 30 5.79 4.77 -4.83
N GLU A 31 6.05 5.41 -3.70
CA GLU A 31 7.37 6.00 -3.44
C GLU A 31 8.39 4.92 -3.07
N ARG A 32 7.89 3.78 -2.68
CA ARG A 32 8.74 2.70 -2.23
C ARG A 32 9.23 1.85 -3.40
N LEU A 33 8.31 1.36 -4.20
CA LEU A 33 8.69 0.52 -5.32
C LEU A 33 9.04 1.34 -6.55
N ARG A 34 8.35 2.47 -6.72
CA ARG A 34 8.61 3.43 -7.81
C ARG A 34 8.45 2.85 -9.21
N ASP A 35 7.28 3.01 -9.75
CA ASP A 35 7.01 2.60 -11.08
C ASP A 35 6.42 3.75 -11.83
N PCA A 1 5.70 -6.12 -10.12
CA PCA A 1 4.32 -6.04 -9.63
CB PCA A 1 3.43 -6.57 -10.75
CG PCA A 1 4.36 -6.87 -11.91
CD PCA A 1 5.75 -6.74 -11.30
OE PCA A 1 6.78 -7.18 -11.84
C PCA A 1 4.15 -6.88 -8.37
O PCA A 1 3.12 -6.82 -7.69
H PCA A 1 6.46 -5.77 -9.62
HA PCA A 1 4.07 -5.02 -9.39
HB2 PCA A 1 2.70 -5.81 -11.03
HB3 PCA A 1 2.92 -7.48 -10.42
HG2 PCA A 1 4.26 -6.13 -12.70
HG3 PCA A 1 4.19 -7.88 -12.29
N LYS A 2 5.19 -7.62 -8.04
CA LYS A 2 5.16 -8.50 -6.90
C LYS A 2 5.42 -7.77 -5.61
N GLU A 3 6.21 -6.73 -5.65
CA GLU A 3 6.48 -5.99 -4.45
C GLU A 3 5.33 -5.07 -4.13
N THR A 4 4.63 -4.71 -5.16
CA THR A 4 3.43 -3.91 -5.04
C THR A 4 2.33 -4.81 -4.46
N GLU A 5 2.39 -6.09 -4.80
CA GLU A 5 1.49 -7.10 -4.29
C GLU A 5 1.67 -7.19 -2.76
N ILE A 6 2.92 -7.36 -2.34
CA ILE A 6 3.27 -7.43 -0.90
C ILE A 6 2.81 -6.15 -0.20
N CYS A 7 3.18 -5.05 -0.79
CA CYS A 7 2.86 -3.72 -0.30
C CYS A 7 1.34 -3.53 -0.08
N ARG A 8 0.53 -3.91 -1.06
CA ARG A 8 -0.91 -3.78 -0.90
C ARG A 8 -1.43 -4.79 0.12
N GLN A 9 -0.90 -6.01 0.10
CA GLN A 9 -1.30 -7.04 1.07
C GLN A 9 -1.08 -6.60 2.50
N TRP A 10 0.03 -5.89 2.73
CA TRP A 10 0.36 -5.35 4.04
C TRP A 10 -0.76 -4.42 4.48
N CYS A 11 -1.05 -3.44 3.66
CA CYS A 11 -2.07 -2.45 3.98
C CYS A 11 -3.47 -3.05 4.01
N GLN A 12 -3.74 -4.02 3.15
CA GLN A 12 -5.04 -4.68 3.10
C GLN A 12 -5.37 -5.32 4.46
N VAL A 13 -4.41 -6.01 5.04
CA VAL A 13 -4.65 -6.68 6.30
C VAL A 13 -4.51 -5.70 7.48
N MET A 14 -3.58 -4.76 7.35
CA MET A 14 -3.30 -3.79 8.41
C MET A 14 -4.44 -2.80 8.56
N LYS A 15 -4.88 -2.25 7.45
CA LYS A 15 -5.95 -1.28 7.43
C LYS A 15 -7.04 -1.71 6.48
N PRO A 16 -8.09 -2.36 6.98
CA PRO A 16 -9.22 -2.76 6.15
C PRO A 16 -9.93 -1.54 5.60
N GLN A 17 -10.37 -1.61 4.35
CA GLN A 17 -11.02 -0.52 3.59
C GLN A 17 -9.98 0.50 3.13
N GLY A 18 -9.20 1.00 4.07
CA GLY A 18 -8.17 1.93 3.77
C GLY A 18 -8.55 3.34 4.14
N GLY A 19 -9.34 3.94 3.29
CA GLY A 19 -9.80 5.31 3.48
C GLY A 19 -8.67 6.30 3.42
N GLU A 20 -8.46 7.02 4.49
CA GLU A 20 -7.37 7.98 4.59
C GLU A 20 -6.05 7.24 4.56
N GLU A 21 -6.05 6.06 5.14
CA GLU A 21 -4.88 5.23 5.17
C GLU A 21 -4.65 4.59 3.80
N GLN A 22 -5.69 4.57 2.96
CA GLN A 22 -5.55 4.10 1.58
C GLN A 22 -4.68 5.10 0.88
N ARG A 23 -4.99 6.37 1.09
CA ARG A 23 -4.22 7.47 0.50
C ARG A 23 -2.78 7.37 0.95
N ARG A 24 -2.60 7.23 2.26
CA ARG A 24 -1.30 7.07 2.88
C ARG A 24 -0.56 5.88 2.29
N CYS A 25 -1.17 4.71 2.37
CA CYS A 25 -0.59 3.48 1.87
C CYS A 25 -0.24 3.53 0.40
N GLN A 26 -1.13 4.06 -0.42
CA GLN A 26 -0.90 4.14 -1.84
C GLN A 26 0.31 5.04 -2.12
N GLN A 27 0.39 6.13 -1.38
CA GLN A 27 1.47 7.10 -1.50
C GLN A 27 2.80 6.45 -1.10
N GLU A 28 2.78 5.74 0.00
CA GLU A 28 3.98 5.06 0.49
C GLU A 28 4.32 3.88 -0.42
N CYS A 29 3.30 3.30 -1.01
CA CYS A 29 3.44 2.13 -1.86
C CYS A 29 4.17 2.50 -3.15
N GLU A 30 3.73 3.58 -3.79
CA GLU A 30 4.38 4.06 -5.00
C GLU A 30 5.80 4.56 -4.70
N GLU A 31 6.00 5.01 -3.47
CA GLU A 31 7.31 5.42 -2.98
C GLU A 31 8.21 4.19 -2.85
N ARG A 32 7.67 3.14 -2.27
CA ARG A 32 8.37 1.87 -2.06
C ARG A 32 8.68 1.23 -3.41
N LEU A 33 7.79 1.44 -4.35
CA LEU A 33 7.97 0.93 -5.69
C LEU A 33 9.09 1.72 -6.40
N ARG A 34 9.26 2.97 -6.02
CA ARG A 34 10.28 3.82 -6.60
C ARG A 34 11.66 3.38 -6.10
N ASP A 35 11.81 3.37 -4.81
CA ASP A 35 13.08 2.99 -4.22
C ASP A 35 12.92 1.76 -3.39
N PCA A 1 6.79 -6.83 -9.90
CA PCA A 1 5.66 -6.17 -9.24
CB PCA A 1 4.62 -5.88 -10.31
CG PCA A 1 5.23 -6.32 -11.62
CD PCA A 1 6.57 -6.93 -11.22
OE PCA A 1 7.37 -7.41 -12.03
C PCA A 1 5.07 -7.02 -8.15
O PCA A 1 4.11 -6.61 -7.48
H PCA A 1 7.59 -7.18 -9.45
HA PCA A 1 6.00 -5.25 -8.79
HB2 PCA A 1 4.39 -4.82 -10.34
HB3 PCA A 1 3.72 -6.46 -10.11
HG2 PCA A 1 5.41 -5.47 -12.28
HG3 PCA A 1 4.59 -7.06 -12.10
N LYS A 2 5.66 -8.17 -7.95
CA LYS A 2 5.20 -9.13 -6.96
C LYS A 2 5.42 -8.59 -5.55
N GLU A 3 6.49 -7.84 -5.39
CA GLU A 3 6.81 -7.23 -4.11
C GLU A 3 5.83 -6.13 -3.77
N THR A 4 5.28 -5.54 -4.81
CA THR A 4 4.31 -4.49 -4.67
C THR A 4 2.96 -5.12 -4.25
N GLU A 5 2.75 -6.35 -4.69
CA GLU A 5 1.58 -7.11 -4.31
C GLU A 5 1.61 -7.40 -2.82
N ILE A 6 2.80 -7.77 -2.32
CA ILE A 6 3.00 -8.03 -0.88
C ILE A 6 2.75 -6.73 -0.12
N CYS A 7 3.33 -5.67 -0.65
CA CYS A 7 3.18 -4.32 -0.11
C CYS A 7 1.70 -3.94 0.03
N ARG A 8 0.89 -4.23 -1.01
CA ARG A 8 -0.54 -4.00 -0.94
C ARG A 8 -1.19 -4.96 0.05
N GLN A 9 -0.76 -6.21 0.04
CA GLN A 9 -1.29 -7.26 0.93
C GLN A 9 -1.15 -6.88 2.39
N TRP A 10 -0.02 -6.29 2.74
CA TRP A 10 0.24 -5.85 4.08
C TRP A 10 -0.80 -4.83 4.52
N CYS A 11 -1.00 -3.82 3.70
CA CYS A 11 -1.99 -2.79 3.97
C CYS A 11 -3.41 -3.32 3.86
N GLN A 12 -3.60 -4.29 2.99
CA GLN A 12 -4.87 -4.95 2.77
C GLN A 12 -5.40 -5.52 4.08
N VAL A 13 -4.53 -6.18 4.80
CA VAL A 13 -4.90 -6.80 6.06
C VAL A 13 -4.85 -5.75 7.20
N MET A 14 -3.98 -4.76 7.06
CA MET A 14 -3.84 -3.71 8.06
C MET A 14 -5.14 -2.94 8.21
N LYS A 15 -5.65 -2.43 7.12
CA LYS A 15 -6.84 -1.63 7.17
C LYS A 15 -7.70 -1.79 5.91
N PRO A 16 -8.67 -2.70 5.94
CA PRO A 16 -9.59 -2.91 4.84
C PRO A 16 -10.59 -1.75 4.75
N GLN A 17 -10.61 -1.09 3.59
CA GLN A 17 -11.55 0.00 3.29
C GLN A 17 -11.35 1.24 4.16
N GLY A 18 -10.19 1.36 4.77
CA GLY A 18 -9.93 2.53 5.57
C GLY A 18 -9.26 3.58 4.74
N GLY A 19 -10.06 4.50 4.23
CA GLY A 19 -9.63 5.51 3.28
C GLY A 19 -8.32 6.18 3.60
N GLU A 20 -8.17 6.67 4.81
CA GLU A 20 -6.98 7.43 5.18
C GLU A 20 -5.74 6.53 5.24
N GLU A 21 -5.88 5.39 5.87
CA GLU A 21 -4.76 4.48 6.07
C GLU A 21 -4.32 3.90 4.74
N GLN A 22 -5.31 3.54 3.97
CA GLN A 22 -5.14 2.89 2.69
C GLN A 22 -4.55 3.90 1.70
N ARG A 23 -4.95 5.16 1.81
CA ARG A 23 -4.43 6.21 0.97
C ARG A 23 -2.97 6.46 1.31
N ARG A 24 -2.65 6.42 2.59
CA ARG A 24 -1.28 6.58 3.03
C ARG A 24 -0.44 5.44 2.49
N CYS A 25 -0.98 4.24 2.55
CA CYS A 25 -0.35 3.09 1.96
C CYS A 25 -0.11 3.27 0.48
N GLN A 26 -1.12 3.78 -0.23
CA GLN A 26 -1.02 4.05 -1.65
C GLN A 26 0.19 4.94 -1.93
N GLN A 27 0.24 6.06 -1.23
CA GLN A 27 1.29 7.05 -1.37
C GLN A 27 2.66 6.48 -1.01
N GLU A 28 2.76 5.86 0.15
CA GLU A 28 4.04 5.36 0.65
C GLU A 28 4.53 4.16 -0.15
N CYS A 29 3.65 3.23 -0.46
CA CYS A 29 4.03 2.03 -1.18
C CYS A 29 4.54 2.37 -2.58
N GLU A 30 3.92 3.35 -3.21
CA GLU A 30 4.35 3.79 -4.53
C GLU A 30 5.61 4.63 -4.45
N GLU A 31 5.75 5.42 -3.39
CA GLU A 31 6.93 6.25 -3.18
C GLU A 31 8.14 5.36 -2.91
N ARG A 32 7.90 4.30 -2.17
CA ARG A 32 8.93 3.33 -1.86
C ARG A 32 9.34 2.59 -3.12
N LEU A 33 8.37 2.35 -3.97
CA LEU A 33 8.56 1.61 -5.19
C LEU A 33 9.27 2.43 -6.26
N ARG A 34 8.81 3.62 -6.48
CA ARG A 34 9.32 4.43 -7.55
C ARG A 34 10.30 5.48 -7.05
N ASP A 35 11.52 5.34 -7.46
CA ASP A 35 12.55 6.31 -7.15
C ASP A 35 13.15 6.80 -8.44
N PCA A 1 6.47 -7.47 -9.42
CA PCA A 1 5.11 -7.19 -8.94
CB PCA A 1 4.16 -7.80 -9.97
CG PCA A 1 5.05 -8.46 -11.01
CD PCA A 1 6.44 -8.35 -10.42
OE PCA A 1 7.40 -9.03 -10.80
C PCA A 1 4.88 -7.82 -7.58
O PCA A 1 3.86 -7.60 -6.94
H PCA A 1 7.27 -7.07 -9.04
HA PCA A 1 4.95 -6.13 -8.86
HB2 PCA A 1 3.54 -7.04 -10.41
HB3 PCA A 1 3.54 -8.56 -9.49
HG2 PCA A 1 5.02 -7.90 -11.95
HG3 PCA A 1 4.75 -9.50 -11.16
N LYS A 2 5.87 -8.55 -7.14
CA LYS A 2 5.83 -9.27 -5.87
C LYS A 2 5.85 -8.29 -4.73
N GLU A 3 6.80 -7.36 -4.79
CA GLU A 3 6.97 -6.33 -3.77
C GLU A 3 5.76 -5.44 -3.70
N THR A 4 5.25 -5.18 -4.84
CA THR A 4 4.10 -4.35 -5.04
C THR A 4 2.88 -5.01 -4.38
N GLU A 5 2.73 -6.30 -4.64
CA GLU A 5 1.66 -7.10 -4.12
C GLU A 5 1.72 -7.20 -2.60
N ILE A 6 2.87 -7.59 -2.06
CA ILE A 6 3.01 -7.73 -0.62
C ILE A 6 2.82 -6.41 0.11
N CYS A 7 3.33 -5.32 -0.45
CA CYS A 7 3.14 -3.98 0.12
C CYS A 7 1.65 -3.64 0.17
N ARG A 8 0.90 -4.13 -0.82
CA ARG A 8 -0.54 -3.96 -0.82
C ARG A 8 -1.15 -4.83 0.25
N GLN A 9 -0.77 -6.11 0.29
CA GLN A 9 -1.30 -7.08 1.28
C GLN A 9 -1.13 -6.57 2.70
N TRP A 10 0.04 -6.02 2.98
CA TRP A 10 0.36 -5.42 4.27
C TRP A 10 -0.71 -4.41 4.69
N CYS A 11 -1.03 -3.50 3.80
CA CYS A 11 -2.04 -2.50 4.07
C CYS A 11 -3.47 -3.03 3.91
N GLN A 12 -3.62 -4.08 3.13
CA GLN A 12 -4.92 -4.68 2.86
C GLN A 12 -5.40 -5.41 4.11
N VAL A 13 -4.46 -5.95 4.86
CA VAL A 13 -4.77 -6.60 6.12
C VAL A 13 -4.90 -5.54 7.22
N MET A 14 -4.10 -4.49 7.09
CA MET A 14 -4.07 -3.36 8.03
C MET A 14 -5.43 -2.67 8.08
N LYS A 15 -5.89 -2.24 6.93
CA LYS A 15 -7.17 -1.57 6.79
C LYS A 15 -7.80 -1.93 5.46
N PRO A 16 -8.55 -3.03 5.41
CA PRO A 16 -9.20 -3.46 4.18
C PRO A 16 -10.29 -2.49 3.78
N GLN A 17 -10.14 -1.90 2.59
CA GLN A 17 -11.10 -0.93 2.04
C GLN A 17 -11.14 0.32 2.91
N GLY A 18 -10.00 0.64 3.49
CA GLY A 18 -9.89 1.79 4.35
C GLY A 18 -9.89 3.10 3.60
N GLY A 19 -10.04 4.16 4.34
CA GLY A 19 -10.06 5.46 3.76
C GLY A 19 -8.73 6.15 3.92
N GLU A 20 -8.62 6.91 5.00
CA GLU A 20 -7.43 7.71 5.31
C GLU A 20 -6.17 6.86 5.24
N GLU A 21 -6.21 5.74 5.93
CA GLU A 21 -5.06 4.88 6.07
C GLU A 21 -4.68 4.22 4.76
N GLN A 22 -5.67 3.89 3.95
CA GLN A 22 -5.38 3.24 2.69
C GLN A 22 -4.86 4.25 1.67
N ARG A 23 -5.39 5.48 1.73
CA ARG A 23 -4.92 6.56 0.88
C ARG A 23 -3.45 6.82 1.23
N ARG A 24 -3.19 6.82 2.53
CA ARG A 24 -1.84 6.94 3.06
C ARG A 24 -0.96 5.82 2.51
N CYS A 25 -1.45 4.60 2.63
CA CYS A 25 -0.77 3.42 2.13
C CYS A 25 -0.43 3.50 0.66
N GLN A 26 -1.33 4.05 -0.16
CA GLN A 26 -1.08 4.21 -1.57
C GLN A 26 0.14 5.10 -1.78
N GLN A 27 0.07 6.28 -1.18
CA GLN A 27 1.13 7.27 -1.31
C GLN A 27 2.46 6.77 -0.79
N GLU A 28 2.43 6.10 0.35
CA GLU A 28 3.64 5.53 0.92
C GLU A 28 4.18 4.40 0.06
N CYS A 29 3.31 3.53 -0.40
CA CYS A 29 3.74 2.36 -1.15
C CYS A 29 4.33 2.77 -2.49
N GLU A 30 3.66 3.68 -3.20
CA GLU A 30 4.16 4.11 -4.49
C GLU A 30 5.44 4.91 -4.37
N GLU A 31 5.63 5.58 -3.25
CA GLU A 31 6.84 6.35 -3.04
C GLU A 31 8.02 5.41 -2.72
N ARG A 32 7.72 4.33 -2.03
CA ARG A 32 8.73 3.37 -1.61
C ARG A 32 9.18 2.51 -2.78
N LEU A 33 8.23 1.87 -3.45
CA LEU A 33 8.58 0.99 -4.56
C LEU A 33 8.90 1.78 -5.79
N ARG A 34 8.03 2.73 -6.12
CA ARG A 34 8.17 3.63 -7.25
C ARG A 34 8.31 2.87 -8.57
N ASP A 35 7.19 2.48 -9.09
CA ASP A 35 7.07 1.73 -10.33
C ASP A 35 5.82 2.15 -11.04
#